data_3UET
#
_entry.id   3UET
#
_cell.length_a   82.588
_cell.length_b   105.971
_cell.length_c   120.715
_cell.angle_alpha   90.00
_cell.angle_beta   90.00
_cell.angle_gamma   90.00
#
_symmetry.space_group_name_H-M   'P 21 21 21'
#
loop_
_entity.id
_entity.type
_entity.pdbx_description
1 polymer Alpha-1,3/4-fucosidase
2 branched beta-D-galactopyranose-(1-3)-[alpha-L-fucopyranose-(1-4)]2-acetamido-2-deoxy-beta-D-glucopyranose
3 non-polymer 'SODIUM ION'
4 non-polymer 1,2-ETHANEDIOL
5 water water
#
_entity_poly.entity_id   1
_entity_poly.type   'polypeptide(L)'
_entity_poly.pdbx_seq_one_letter_code
;MNNPADAGINLNYLANVRPSSRQLAWQRMEMYAFLHFGMNTMTDREWGLGHEDPALFNPRNVDVDQWMDALVAGGMAGVI
LTCKHHDGFCLWPSRLTRHTVASSPWREGKGDLVREVSESARRHGLKFGVYLSPWDRTEESYGKGKAYDDFYVGQLTELL
TQYGPIFSVWLAGANGEGKNGKTQYYDWDRYYNVIRSLQPDAVISVCGPDVRWAGNAAGHVRDNEWSVVPRRLRSAELTM
EKSQQEDDASFATTVSSQDDDLGSREAVAGYGDNVCWYPAEVDTSIRPGWFYHQSEDDKVMSADQLFDLWLSAVGGNSSL
LLNIPPSPEGLLAEPDVQSLKGLGRRVSEFREALASVRCEARTSSASAAAAHLVDGNRDTFWRPDADDAAPAITLTLPQP
TTINAIVIEEAIEHGQRIEHLRVTGALPDGTERVLGQAGTVGYRRILRFDDVEVSSVTLHVDGSRLAPMISRAAAVRI
;
_entity_poly.pdbx_strand_id   A,B
#
# COMPACT_ATOMS: atom_id res chain seq x y z
N ILE A 9 -12.30 -13.81 22.30
CA ILE A 9 -12.21 -12.48 21.62
C ILE A 9 -10.92 -11.64 21.91
N ASN A 10 -10.00 -11.50 20.94
CA ASN A 10 -8.76 -10.74 21.26
C ASN A 10 -8.82 -9.33 20.74
N LEU A 11 -8.99 -8.43 21.69
CA LEU A 11 -9.25 -7.06 21.38
C LEU A 11 -7.95 -6.43 20.90
N ASN A 12 -6.78 -6.95 21.30
CA ASN A 12 -5.52 -6.36 20.80
C ASN A 12 -5.34 -6.64 19.33
N TYR A 13 -5.87 -7.77 18.89
CA TYR A 13 -6.12 -8.06 17.47
C TYR A 13 -7.15 -7.12 16.79
N LEU A 14 -8.42 -7.24 17.16
CA LEU A 14 -9.48 -6.44 16.53
C LEU A 14 -9.25 -4.94 16.48
N ALA A 15 -8.84 -4.39 17.61
CA ALA A 15 -8.63 -2.95 17.85
C ALA A 15 -7.45 -2.38 17.09
N ASN A 16 -6.65 -3.28 16.51
CA ASN A 16 -5.46 -2.87 15.77
C ASN A 16 -5.43 -3.23 14.28
N VAL A 17 -6.56 -3.74 13.77
CA VAL A 17 -6.70 -3.96 12.30
C VAL A 17 -6.78 -2.54 11.65
N ARG A 18 -6.02 -2.31 10.59
CA ARG A 18 -5.79 -0.92 10.09
C ARG A 18 -5.95 -0.96 8.55
N PRO A 19 -6.32 0.16 7.94
CA PRO A 19 -6.38 0.35 6.49
C PRO A 19 -5.01 0.35 5.88
N SER A 20 -4.87 -0.22 4.67
CA SER A 20 -3.68 -0.03 3.92
C SER A 20 -3.57 1.49 3.57
N SER A 21 -2.41 1.87 3.05
CA SER A 21 -2.30 3.25 2.61
C SER A 21 -3.23 3.58 1.40
N ARG A 22 -3.47 2.65 0.48
CA ARG A 22 -4.44 2.85 -0.62
C ARG A 22 -5.87 2.97 -0.03
N GLN A 23 -6.21 2.17 0.98
CA GLN A 23 -7.54 2.31 1.66
C GLN A 23 -7.77 3.63 2.39
N LEU A 24 -6.73 4.15 3.00
CA LEU A 24 -6.81 5.35 3.75
C LEU A 24 -6.90 6.52 2.76
N ALA A 25 -6.11 6.52 1.66
CA ALA A 25 -6.20 7.65 0.65
C ALA A 25 -7.61 7.60 0.06
N TRP A 26 -8.15 6.38 -0.13
CA TRP A 26 -9.48 6.28 -0.69
C TRP A 26 -10.55 6.83 0.25
N GLN A 27 -10.42 6.52 1.51
CA GLN A 27 -11.40 6.90 2.47
C GLN A 27 -11.51 8.43 2.51
N ARG A 28 -10.40 9.14 2.37
CA ARG A 28 -10.40 10.59 2.45
C ARG A 28 -11.03 11.26 1.25
N MET A 29 -11.36 10.48 0.21
CA MET A 29 -12.02 11.04 -0.97
C MET A 29 -13.51 11.40 -0.60
N GLU A 30 -14.08 10.56 0.28
CA GLU A 30 -15.43 10.69 0.84
C GLU A 30 -16.62 10.37 -0.08
N MET A 31 -16.64 11.09 -1.19
CA MET A 31 -17.74 11.06 -2.14
C MET A 31 -17.15 11.34 -3.52
N TYR A 32 -17.53 10.50 -4.49
CA TYR A 32 -17.12 10.61 -5.88
C TYR A 32 -18.30 10.12 -6.76
N ALA A 33 -18.17 10.22 -8.08
CA ALA A 33 -19.33 10.05 -8.99
C ALA A 33 -19.22 8.79 -9.80
N PHE A 34 -20.37 8.21 -10.10
CA PHE A 34 -20.45 7.10 -11.07
C PHE A 34 -20.93 7.79 -12.41
N LEU A 35 -20.45 7.34 -13.56
CA LEU A 35 -21.02 7.82 -14.84
C LEU A 35 -21.36 6.59 -15.66
N HIS A 36 -22.64 6.21 -15.69
CA HIS A 36 -23.11 5.08 -16.54
C HIS A 36 -23.46 5.71 -17.86
N PHE A 37 -22.66 5.43 -18.88
CA PHE A 37 -22.85 5.96 -20.20
C PHE A 37 -22.37 4.95 -21.19
N GLY A 38 -23.04 4.90 -22.33
CA GLY A 38 -22.58 4.15 -23.45
C GLY A 38 -23.70 3.69 -24.38
N MET A 39 -23.58 2.46 -24.84
CA MET A 39 -24.58 1.84 -25.69
C MET A 39 -26.00 1.86 -25.06
N ASN A 40 -26.12 1.36 -23.81
CA ASN A 40 -27.36 1.47 -23.06
C ASN A 40 -28.04 2.87 -23.07
N THR A 41 -27.28 3.96 -22.96
CA THR A 41 -27.87 5.31 -23.10
C THR A 41 -28.57 5.51 -24.50
N MET A 42 -27.87 5.13 -25.56
CA MET A 42 -28.40 5.10 -26.93
C MET A 42 -29.65 4.21 -27.12
N THR A 43 -29.72 3.07 -26.45
CA THR A 43 -30.81 2.15 -26.73
C THR A 43 -31.90 2.31 -25.69
N ASP A 44 -31.69 3.24 -24.78
CA ASP A 44 -32.58 3.48 -23.66
C ASP A 44 -32.82 2.23 -22.79
N ARG A 45 -31.78 1.46 -22.45
CA ARG A 45 -31.98 0.30 -21.59
C ARG A 45 -31.15 0.35 -20.28
N GLU A 46 -31.48 -0.51 -19.31
CA GLU A 46 -30.57 -0.75 -18.12
C GLU A 46 -29.55 -1.84 -18.31
N TRP A 47 -29.92 -2.92 -19.00
CA TRP A 47 -28.98 -3.90 -19.47
C TRP A 47 -29.04 -4.01 -20.95
N GLY A 48 -27.91 -4.05 -21.64
CA GLY A 48 -28.03 -4.22 -23.08
C GLY A 48 -28.01 -5.72 -23.39
N LEU A 49 -28.32 -6.07 -24.63
CA LEU A 49 -28.49 -7.47 -25.01
C LEU A 49 -27.21 -8.03 -25.58
N GLY A 50 -26.34 -7.14 -26.04
CA GLY A 50 -25.06 -7.62 -26.58
C GLY A 50 -25.21 -7.54 -28.08
N HIS A 51 -24.12 -7.40 -28.80
CA HIS A 51 -24.12 -7.29 -30.26
C HIS A 51 -24.85 -6.11 -30.81
N GLU A 52 -25.05 -5.08 -29.99
CA GLU A 52 -25.67 -3.89 -30.51
C GLU A 52 -24.91 -3.31 -31.70
N ASP A 53 -25.62 -2.75 -32.68
CA ASP A 53 -24.89 -2.24 -33.86
C ASP A 53 -24.06 -1.01 -33.38
N PRO A 54 -22.75 -0.99 -33.65
CA PRO A 54 -22.03 0.23 -33.17
C PRO A 54 -22.49 1.56 -33.80
N ALA A 55 -23.20 1.50 -34.92
CA ALA A 55 -23.74 2.68 -35.59
C ALA A 55 -24.75 3.37 -34.67
N LEU A 56 -25.34 2.64 -33.71
CA LEU A 56 -26.21 3.24 -32.71
C LEU A 56 -25.50 4.25 -31.82
N PHE A 57 -24.16 4.15 -31.73
CA PHE A 57 -23.43 5.08 -30.83
C PHE A 57 -23.00 6.33 -31.58
N ASN A 58 -23.87 7.32 -31.54
CA ASN A 58 -23.56 8.53 -32.28
C ASN A 58 -24.01 9.75 -31.57
N PRO A 59 -23.64 9.90 -30.28
CA PRO A 59 -24.16 11.05 -29.54
C PRO A 59 -23.68 12.28 -30.26
N ARG A 60 -24.56 13.22 -30.51
CA ARG A 60 -24.13 14.34 -31.31
C ARG A 60 -23.46 15.45 -30.48
N ASN A 61 -23.66 15.48 -29.17
CA ASN A 61 -23.08 16.57 -28.37
C ASN A 61 -22.37 16.17 -27.08
N VAL A 62 -21.45 15.20 -27.16
CA VAL A 62 -20.67 14.80 -25.99
C VAL A 62 -19.83 15.97 -25.50
N ASP A 63 -20.09 16.38 -24.25
CA ASP A 63 -19.35 17.52 -23.62
C ASP A 63 -18.91 17.11 -22.24
N VAL A 64 -17.81 16.36 -22.16
CA VAL A 64 -17.35 15.90 -20.84
C VAL A 64 -17.02 17.09 -19.92
N ASP A 65 -16.51 18.20 -20.48
CA ASP A 65 -16.27 19.37 -19.62
C ASP A 65 -17.52 19.83 -18.89
N GLN A 66 -18.67 19.67 -19.56
CA GLN A 66 -19.93 20.02 -18.91
C GLN A 66 -20.24 19.00 -17.79
N TRP A 67 -19.88 17.70 -17.97
CA TRP A 67 -20.11 16.76 -16.86
C TRP A 67 -19.24 17.10 -15.68
N MET A 68 -17.94 17.31 -15.94
CA MET A 68 -16.94 17.59 -14.89
C MET A 68 -17.23 18.90 -14.17
N ASP A 69 -17.59 19.94 -14.91
CA ASP A 69 -17.98 21.19 -14.22
C ASP A 69 -19.07 20.88 -13.19
N ALA A 70 -20.10 20.12 -13.59
CA ALA A 70 -21.20 19.85 -12.69
C ALA A 70 -20.78 18.90 -11.56
N LEU A 71 -19.85 17.99 -11.84
CA LEU A 71 -19.35 17.15 -10.72
C LEU A 71 -18.45 17.94 -9.77
N VAL A 72 -17.60 18.85 -10.28
CA VAL A 72 -16.82 19.77 -9.40
C VAL A 72 -17.86 20.57 -8.57
N ALA A 73 -18.83 21.20 -9.24
CA ALA A 73 -19.82 21.97 -8.42
C ALA A 73 -20.55 21.07 -7.42
N GLY A 74 -20.66 19.77 -7.70
CA GLY A 74 -21.30 18.89 -6.78
C GLY A 74 -20.42 18.39 -5.66
N GLY A 75 -19.15 18.79 -5.61
CA GLY A 75 -18.29 18.41 -4.43
C GLY A 75 -17.69 17.01 -4.56
N MET A 76 -17.74 16.47 -5.78
CA MET A 76 -17.12 15.19 -6.11
C MET A 76 -15.57 15.18 -6.04
N ALA A 77 -14.97 14.11 -5.50
CA ALA A 77 -13.49 14.01 -5.52
C ALA A 77 -12.97 13.24 -6.70
N GLY A 78 -13.85 12.49 -7.35
CA GLY A 78 -13.38 11.75 -8.53
C GLY A 78 -14.54 11.29 -9.33
N VAL A 79 -14.27 10.62 -10.43
CA VAL A 79 -15.32 10.03 -11.27
C VAL A 79 -14.92 8.56 -11.72
N ILE A 80 -15.86 7.62 -11.66
CA ILE A 80 -15.69 6.21 -12.15
C ILE A 80 -16.54 6.04 -13.41
N LEU A 81 -15.91 5.88 -14.56
CA LEU A 81 -16.64 5.77 -15.77
C LEU A 81 -16.90 4.29 -16.09
N THR A 82 -18.11 3.97 -16.54
CA THR A 82 -18.39 2.66 -17.20
C THR A 82 -17.72 2.48 -18.58
N CYS A 83 -16.45 2.07 -18.62
CA CYS A 83 -15.71 1.90 -19.86
C CYS A 83 -16.22 0.70 -20.68
N LYS A 84 -16.73 -0.32 -20.02
CA LYS A 84 -17.45 -1.45 -20.70
C LYS A 84 -18.46 -1.98 -19.65
N HIS A 85 -19.75 -1.85 -20.01
CA HIS A 85 -20.82 -2.44 -19.26
C HIS A 85 -21.12 -3.90 -19.72
N HIS A 86 -22.15 -4.56 -19.18
CA HIS A 86 -22.42 -6.02 -19.46
C HIS A 86 -22.57 -6.27 -20.98
N ASP A 87 -23.02 -5.25 -21.75
CA ASP A 87 -23.34 -5.42 -23.16
C ASP A 87 -22.04 -5.56 -23.95
N GLY A 88 -20.91 -5.12 -23.38
CA GLY A 88 -19.61 -5.39 -24.02
C GLY A 88 -19.05 -4.30 -24.91
N PHE A 89 -19.84 -3.25 -25.16
CA PHE A 89 -19.38 -2.14 -26.06
C PHE A 89 -18.38 -1.31 -25.26
N CYS A 90 -17.17 -1.15 -25.77
CA CYS A 90 -16.06 -0.45 -25.09
C CYS A 90 -15.98 1.01 -25.53
N LEU A 91 -15.76 1.91 -24.56
CA LEU A 91 -15.73 3.35 -24.82
C LEU A 91 -14.34 3.87 -25.14
N TRP A 92 -13.38 2.94 -25.27
CA TRP A 92 -12.08 3.27 -25.80
C TRP A 92 -11.84 2.35 -27.01
N PRO A 93 -10.90 2.72 -27.92
CA PRO A 93 -10.57 1.89 -29.12
C PRO A 93 -9.73 0.67 -28.74
N SER A 94 -10.32 -0.33 -28.05
CA SER A 94 -9.54 -1.50 -27.60
C SER A 94 -8.92 -2.21 -28.78
N ARG A 95 -7.68 -2.65 -28.67
CA ARG A 95 -7.15 -3.54 -29.70
C ARG A 95 -7.72 -4.98 -29.58
N LEU A 96 -8.54 -5.28 -28.59
CA LEU A 96 -8.87 -6.71 -28.41
C LEU A 96 -10.22 -7.15 -28.97
N THR A 97 -10.97 -6.21 -29.58
CA THR A 97 -12.31 -6.48 -30.06
C THR A 97 -12.66 -5.29 -30.93
N ARG A 98 -13.59 -5.50 -31.89
CA ARG A 98 -14.05 -4.47 -32.80
C ARG A 98 -15.27 -3.81 -32.23
N HIS A 99 -15.77 -4.33 -31.13
CA HIS A 99 -17.00 -3.80 -30.55
C HIS A 99 -16.70 -2.61 -29.66
N THR A 100 -16.21 -1.54 -30.29
CA THR A 100 -15.84 -0.33 -29.61
C THR A 100 -16.20 0.93 -30.39
N VAL A 101 -16.06 2.09 -29.73
CA VAL A 101 -16.18 3.38 -30.39
C VAL A 101 -15.49 3.57 -31.73
N ALA A 102 -14.43 2.79 -31.97
CA ALA A 102 -13.67 2.86 -33.20
C ALA A 102 -14.52 2.35 -34.39
N SER A 103 -15.54 1.54 -34.08
CA SER A 103 -16.40 0.96 -35.09
C SER A 103 -17.66 1.79 -35.21
N SER A 104 -17.75 2.89 -34.46
CA SER A 104 -18.97 3.72 -34.46
C SER A 104 -18.70 5.01 -35.25
N PRO A 105 -19.77 5.72 -35.64
CA PRO A 105 -19.58 6.94 -36.39
C PRO A 105 -19.24 8.14 -35.51
N TRP A 106 -19.30 7.97 -34.19
CA TRP A 106 -18.93 9.06 -33.28
C TRP A 106 -17.50 9.46 -33.59
N ARG A 107 -17.27 10.75 -33.72
CA ARG A 107 -15.97 11.36 -34.04
C ARG A 107 -15.28 10.71 -35.25
N GLU A 108 -16.06 10.39 -36.28
CA GLU A 108 -15.59 9.65 -37.45
C GLU A 108 -14.79 8.35 -37.10
N GLY A 109 -15.12 7.64 -36.00
CA GLY A 109 -14.33 6.43 -35.61
C GLY A 109 -12.95 6.72 -34.97
N LYS A 110 -12.66 8.01 -34.74
CA LYS A 110 -11.40 8.40 -34.12
C LYS A 110 -11.52 8.78 -32.66
N GLY A 111 -12.66 8.50 -32.03
CA GLY A 111 -12.88 8.99 -30.63
C GLY A 111 -12.34 8.02 -29.58
N ASP A 112 -12.14 8.50 -28.37
CA ASP A 112 -11.75 7.62 -27.26
C ASP A 112 -12.32 8.35 -26.05
N LEU A 113 -13.46 7.87 -25.55
CA LEU A 113 -14.15 8.55 -24.53
C LEU A 113 -13.44 8.40 -23.13
N VAL A 114 -12.75 7.27 -22.93
CA VAL A 114 -11.97 7.06 -21.71
C VAL A 114 -10.91 8.17 -21.65
N ARG A 115 -10.24 8.46 -22.76
CA ARG A 115 -9.27 9.55 -22.80
C ARG A 115 -9.94 10.88 -22.50
N GLU A 116 -11.05 11.18 -23.18
CA GLU A 116 -11.69 12.48 -23.01
C GLU A 116 -12.12 12.65 -21.55
N VAL A 117 -12.76 11.63 -21.00
CA VAL A 117 -13.21 11.69 -19.60
C VAL A 117 -12.02 11.83 -18.64
N SER A 118 -11.00 10.98 -18.78
CA SER A 118 -9.85 11.04 -17.80
C SER A 118 -9.10 12.38 -17.95
N GLU A 119 -8.92 12.83 -19.18
CA GLU A 119 -8.18 14.10 -19.40
C GLU A 119 -8.98 15.24 -18.80
N SER A 120 -10.27 15.27 -19.07
CA SER A 120 -11.09 16.32 -18.48
C SER A 120 -11.20 16.19 -16.96
N ALA A 121 -11.31 14.95 -16.43
CA ALA A 121 -11.27 14.76 -14.97
C ALA A 121 -10.05 15.43 -14.32
N ARG A 122 -8.89 15.17 -14.90
CA ARG A 122 -7.62 15.69 -14.36
C ARG A 122 -7.56 17.25 -14.42
N ARG A 123 -7.91 17.85 -15.56
CA ARG A 123 -8.00 19.33 -15.70
C ARG A 123 -8.88 19.96 -14.64
N HIS A 124 -9.97 19.29 -14.28
CA HIS A 124 -10.83 19.74 -13.20
C HIS A 124 -10.44 19.23 -11.85
N GLY A 125 -9.27 18.57 -11.70
CA GLY A 125 -8.83 18.13 -10.36
C GLY A 125 -9.55 16.98 -9.69
N LEU A 126 -10.18 16.13 -10.52
CA LEU A 126 -10.93 14.98 -10.09
C LEU A 126 -10.13 13.75 -10.43
N LYS A 127 -10.12 12.77 -9.53
CA LYS A 127 -9.48 11.49 -9.82
C LYS A 127 -10.35 10.73 -10.77
N PHE A 128 -9.75 9.78 -11.46
CA PHE A 128 -10.43 9.00 -12.47
C PHE A 128 -10.39 7.48 -12.08
N GLY A 129 -11.54 6.78 -12.14
CA GLY A 129 -11.52 5.30 -11.91
C GLY A 129 -12.32 4.64 -13.05
N VAL A 130 -12.19 3.30 -13.19
CA VAL A 130 -12.74 2.61 -14.34
C VAL A 130 -13.66 1.49 -13.88
N TYR A 131 -14.79 1.32 -14.58
CA TYR A 131 -15.67 0.20 -14.35
C TYR A 131 -15.49 -0.64 -15.59
N LEU A 132 -15.20 -1.94 -15.40
CA LEU A 132 -14.89 -2.85 -16.53
C LEU A 132 -15.66 -4.17 -16.29
N SER A 133 -16.84 -4.34 -16.90
CA SER A 133 -17.75 -5.39 -16.51
C SER A 133 -17.09 -6.76 -16.79
N PRO A 134 -16.97 -7.59 -15.78
CA PRO A 134 -16.51 -9.00 -16.04
C PRO A 134 -17.51 -9.68 -16.95
N TRP A 135 -18.81 -9.51 -16.65
CA TRP A 135 -19.89 -10.00 -17.49
C TRP A 135 -19.87 -9.30 -18.82
N ASP A 136 -19.80 -10.09 -19.89
CA ASP A 136 -19.77 -9.57 -21.28
C ASP A 136 -20.70 -10.37 -22.20
N ARG A 137 -21.71 -9.68 -22.72
CA ARG A 137 -22.73 -10.28 -23.60
C ARG A 137 -22.41 -10.25 -25.09
N THR A 138 -21.24 -9.76 -25.49
CA THR A 138 -20.89 -9.75 -26.90
C THR A 138 -19.65 -10.58 -27.17
N GLU A 139 -18.66 -10.53 -26.27
CA GLU A 139 -17.35 -11.03 -26.54
C GLU A 139 -17.44 -12.55 -26.82
N GLU A 140 -16.99 -12.99 -28.01
CA GLU A 140 -17.04 -14.46 -28.37
C GLU A 140 -16.37 -15.37 -27.32
N SER A 141 -15.31 -14.92 -26.63
CA SER A 141 -14.61 -15.82 -25.66
C SER A 141 -15.37 -16.05 -24.36
N TYR A 142 -16.35 -15.18 -24.06
CA TYR A 142 -17.09 -15.28 -22.83
C TYR A 142 -17.77 -16.68 -22.70
N GLY A 143 -17.57 -17.38 -21.58
CA GLY A 143 -18.03 -18.74 -21.44
C GLY A 143 -16.93 -19.78 -21.67
N LYS A 144 -15.93 -19.44 -22.48
CA LYS A 144 -14.83 -20.36 -22.74
C LYS A 144 -13.74 -20.53 -21.65
N GLY A 145 -13.89 -19.87 -20.49
CA GLY A 145 -12.85 -19.93 -19.43
C GLY A 145 -11.61 -19.05 -19.66
N LYS A 146 -10.45 -19.70 -19.69
CA LYS A 146 -9.17 -18.99 -19.86
C LYS A 146 -9.13 -17.97 -21.01
N ALA A 147 -9.73 -18.27 -22.17
CA ALA A 147 -9.63 -17.37 -23.32
C ALA A 147 -10.37 -16.05 -23.00
N TYR A 148 -11.42 -16.10 -22.18
CA TYR A 148 -12.10 -14.89 -21.75
C TYR A 148 -11.22 -14.10 -20.72
N ASP A 149 -10.63 -14.83 -19.76
CA ASP A 149 -9.62 -14.23 -18.85
C ASP A 149 -8.53 -13.45 -19.57
N ASP A 150 -8.00 -14.03 -20.65
CA ASP A 150 -6.91 -13.40 -21.36
C ASP A 150 -7.44 -12.07 -21.99
N PHE A 151 -8.68 -12.10 -22.48
CA PHE A 151 -9.32 -10.94 -23.12
C PHE A 151 -9.46 -9.81 -22.06
N TYR A 152 -10.08 -10.18 -20.93
CA TYR A 152 -10.30 -9.33 -19.80
C TYR A 152 -8.98 -8.66 -19.31
N VAL A 153 -7.97 -9.48 -19.11
CA VAL A 153 -6.68 -9.04 -18.65
C VAL A 153 -6.03 -8.07 -19.62
N GLY A 154 -6.17 -8.40 -20.91
CA GLY A 154 -5.68 -7.55 -22.02
C GLY A 154 -6.45 -6.19 -21.98
N GLN A 155 -7.78 -6.18 -21.77
CA GLN A 155 -8.52 -4.92 -21.55
C GLN A 155 -8.14 -4.10 -20.27
N LEU A 156 -8.00 -4.77 -19.13
CA LEU A 156 -7.42 -4.15 -17.92
C LEU A 156 -6.09 -3.50 -18.26
N THR A 157 -5.22 -4.22 -18.95
CA THR A 157 -3.89 -3.66 -19.26
C THR A 157 -4.00 -2.31 -20.07
N GLU A 158 -4.86 -2.29 -21.11
CA GLU A 158 -5.12 -1.05 -21.88
C GLU A 158 -5.54 0.07 -20.93
N LEU A 159 -6.53 -0.19 -20.06
CA LEU A 159 -7.15 0.86 -19.26
C LEU A 159 -6.21 1.32 -18.17
N LEU A 160 -5.38 0.39 -17.71
CA LEU A 160 -4.50 0.72 -16.58
C LEU A 160 -3.18 1.24 -16.99
N THR A 161 -2.85 1.28 -18.29
CA THR A 161 -1.51 1.79 -18.61
C THR A 161 -1.58 2.93 -19.61
N GLN A 162 -2.74 3.25 -20.20
CA GLN A 162 -2.78 4.31 -21.22
C GLN A 162 -3.44 5.61 -20.81
N TYR A 163 -4.02 5.66 -19.61
CA TYR A 163 -4.91 6.76 -19.23
C TYR A 163 -4.49 7.44 -17.91
N GLY A 164 -3.27 7.22 -17.47
CA GLY A 164 -2.80 7.95 -16.27
C GLY A 164 -3.27 7.14 -15.04
N PRO A 165 -3.06 7.71 -13.83
CA PRO A 165 -3.39 7.16 -12.51
C PRO A 165 -4.88 6.83 -12.40
N ILE A 166 -5.14 5.61 -11.90
CA ILE A 166 -6.51 5.13 -11.73
C ILE A 166 -6.78 5.00 -10.21
N PHE A 167 -7.80 5.65 -9.64
CA PHE A 167 -7.90 5.49 -8.19
C PHE A 167 -8.76 4.28 -7.76
N SER A 168 -9.58 3.72 -8.65
CA SER A 168 -10.51 2.65 -8.33
C SER A 168 -10.76 1.80 -9.55
N VAL A 169 -10.76 0.47 -9.34
CA VAL A 169 -11.14 -0.45 -10.42
C VAL A 169 -12.34 -1.13 -9.86
N TRP A 170 -13.47 -0.96 -10.52
CA TRP A 170 -14.72 -1.30 -9.90
C TRP A 170 -15.18 -2.51 -10.65
N LEU A 171 -15.31 -3.64 -9.96
CA LEU A 171 -15.57 -4.92 -10.60
C LEU A 171 -17.02 -5.42 -10.18
N ALA A 172 -17.97 -5.27 -11.08
CA ALA A 172 -19.38 -5.53 -10.72
C ALA A 172 -19.69 -7.02 -10.57
N GLY A 173 -20.52 -7.29 -9.59
CA GLY A 173 -20.86 -8.65 -9.34
C GLY A 173 -21.97 -9.13 -10.25
N ALA A 174 -22.76 -8.20 -10.85
CA ALA A 174 -24.00 -8.61 -11.60
C ALA A 174 -23.75 -9.78 -12.65
N ASN A 175 -24.59 -10.81 -12.62
CA ASN A 175 -24.55 -11.84 -13.68
C ASN A 175 -25.99 -12.33 -13.98
N GLY A 176 -26.49 -12.07 -15.18
CA GLY A 176 -27.87 -12.45 -15.53
C GLY A 176 -27.92 -13.66 -16.47
N GLU A 177 -26.88 -14.50 -16.43
CA GLU A 177 -26.76 -15.65 -17.34
C GLU A 177 -27.90 -16.67 -17.09
N GLY A 178 -28.27 -16.87 -15.82
CA GLY A 178 -29.41 -17.75 -15.44
C GLY A 178 -29.03 -19.24 -15.40
N LYS A 179 -29.98 -20.12 -15.06
CA LYS A 179 -29.68 -21.56 -14.93
C LYS A 179 -29.16 -22.18 -16.21
N ASN A 180 -29.56 -21.62 -17.36
CA ASN A 180 -29.21 -22.18 -18.67
C ASN A 180 -28.24 -21.35 -19.49
N GLY A 181 -27.51 -20.42 -18.89
CA GLY A 181 -26.65 -19.51 -19.66
C GLY A 181 -25.19 -19.88 -19.90
N LYS A 182 -24.43 -18.91 -20.39
CA LYS A 182 -22.99 -19.03 -20.44
C LYS A 182 -22.45 -19.07 -19.00
N THR A 183 -21.55 -20.02 -18.69
CA THR A 183 -20.86 -20.04 -17.39
C THR A 183 -19.37 -19.68 -17.46
N GLN A 184 -19.02 -18.51 -16.93
CA GLN A 184 -17.64 -18.06 -16.91
C GLN A 184 -17.16 -17.98 -15.47
N TYR A 185 -16.13 -18.73 -15.16
CA TYR A 185 -15.49 -18.75 -13.86
C TYR A 185 -14.26 -17.81 -13.81
N TYR A 186 -14.47 -16.52 -13.58
CA TYR A 186 -13.37 -15.53 -13.68
C TYR A 186 -12.21 -15.92 -12.82
N ASP A 187 -11.01 -15.83 -13.37
CA ASP A 187 -9.81 -16.03 -12.60
C ASP A 187 -9.47 -14.70 -11.85
N TRP A 188 -10.19 -14.48 -10.72
CA TRP A 188 -10.14 -13.23 -9.93
C TRP A 188 -8.75 -12.98 -9.45
N ASP A 189 -8.11 -14.03 -8.92
CA ASP A 189 -6.72 -13.90 -8.50
C ASP A 189 -5.75 -13.35 -9.60
N ARG A 190 -5.91 -13.80 -10.85
CA ARG A 190 -5.01 -13.39 -11.91
C ARG A 190 -5.36 -11.88 -12.21
N TYR A 191 -6.64 -11.55 -12.20
CA TYR A 191 -7.07 -10.14 -12.39
C TYR A 191 -6.50 -9.20 -11.33
N TYR A 192 -6.50 -9.62 -10.06
CA TYR A 192 -5.92 -8.82 -8.98
C TYR A 192 -4.45 -8.57 -9.17
N ASN A 193 -3.72 -9.64 -9.58
CA ASN A 193 -2.27 -9.48 -9.84
C ASN A 193 -1.96 -8.42 -10.93
N VAL A 194 -2.79 -8.44 -11.97
CA VAL A 194 -2.72 -7.40 -13.02
C VAL A 194 -2.94 -5.96 -12.44
N ILE A 195 -4.00 -5.81 -11.66
CA ILE A 195 -4.38 -4.48 -11.16
C ILE A 195 -3.28 -4.00 -10.17
N ARG A 196 -2.87 -4.91 -9.28
CA ARG A 196 -1.82 -4.63 -8.29
C ARG A 196 -0.47 -4.28 -8.96
N SER A 197 -0.20 -4.87 -10.12
CA SER A 197 1.07 -4.72 -10.76
C SER A 197 1.09 -3.44 -11.53
N LEU A 198 0.01 -3.10 -12.21
CA LEU A 198 -0.01 -1.92 -13.05
C LEU A 198 -0.44 -0.65 -12.37
N GLN A 199 -1.39 -0.74 -11.40
CA GLN A 199 -1.86 0.43 -10.63
C GLN A 199 -1.93 0.04 -9.19
N PRO A 200 -0.78 -0.04 -8.53
CA PRO A 200 -0.73 -0.62 -7.16
C PRO A 200 -1.42 0.31 -6.13
N ASP A 201 -1.51 1.62 -6.47
CA ASP A 201 -2.30 2.56 -5.68
C ASP A 201 -3.80 2.48 -5.85
N ALA A 202 -4.29 1.84 -6.92
CA ALA A 202 -5.72 1.77 -7.11
C ALA A 202 -6.44 0.83 -6.06
N VAL A 203 -7.69 1.16 -5.63
CA VAL A 203 -8.50 0.23 -4.86
C VAL A 203 -9.35 -0.69 -5.77
N ILE A 204 -9.33 -2.00 -5.51
CA ILE A 204 -10.10 -2.94 -6.26
C ILE A 204 -11.43 -3.08 -5.53
N SER A 205 -12.55 -2.76 -6.19
CA SER A 205 -13.80 -2.59 -5.44
C SER A 205 -14.89 -3.61 -5.78
N VAL A 206 -15.67 -3.98 -4.78
CA VAL A 206 -16.86 -4.82 -4.88
C VAL A 206 -16.34 -6.26 -5.06
N CYS A 207 -16.03 -6.67 -6.29
CA CYS A 207 -15.42 -8.04 -6.46
C CYS A 207 -13.94 -7.90 -6.33
N GLY A 208 -13.53 -7.36 -5.20
CA GLY A 208 -12.14 -7.09 -5.00
C GLY A 208 -11.90 -6.90 -3.52
N PRO A 209 -10.61 -6.89 -3.10
CA PRO A 209 -10.35 -6.96 -1.65
C PRO A 209 -10.34 -5.62 -0.93
N ASP A 210 -10.35 -4.51 -1.67
CA ASP A 210 -10.04 -3.20 -1.01
C ASP A 210 -11.25 -2.45 -0.53
N VAL A 211 -12.32 -2.47 -1.30
CA VAL A 211 -13.51 -1.64 -0.98
C VAL A 211 -14.74 -2.51 -1.10
N ARG A 212 -15.60 -2.46 -0.09
CA ARG A 212 -16.72 -3.39 0.03
C ARG A 212 -18.02 -2.74 -0.42
N TRP A 213 -18.79 -3.40 -1.30
CA TRP A 213 -20.16 -2.97 -1.61
C TRP A 213 -21.01 -2.91 -0.35
N ALA A 214 -21.55 -1.74 0.02
CA ALA A 214 -22.30 -1.70 1.33
C ALA A 214 -23.52 -2.66 1.41
N GLY A 215 -23.98 -3.19 0.29
CA GLY A 215 -24.98 -4.29 0.36
C GLY A 215 -26.46 -3.94 0.03
N ASN A 216 -26.67 -2.70 -0.40
CA ASN A 216 -27.91 -2.21 -1.03
C ASN A 216 -27.54 -1.11 -2.08
N ALA A 217 -28.42 -0.81 -2.99
CA ALA A 217 -28.14 0.19 -4.04
C ALA A 217 -29.02 1.39 -3.89
N ALA A 218 -29.64 1.57 -2.73
CA ALA A 218 -30.67 2.60 -2.59
C ALA A 218 -30.18 3.72 -1.68
N GLY A 219 -28.91 3.65 -1.28
CA GLY A 219 -28.39 4.68 -0.41
C GLY A 219 -28.67 4.49 1.07
N HIS A 220 -29.08 3.27 1.47
CA HIS A 220 -29.35 3.02 2.90
C HIS A 220 -28.02 2.90 3.55
N VAL A 221 -27.87 3.53 4.71
CA VAL A 221 -26.58 3.49 5.47
C VAL A 221 -26.78 2.73 6.75
N ARG A 222 -25.91 1.80 7.13
CA ARG A 222 -26.19 1.11 8.43
C ARG A 222 -26.18 2.03 9.65
N ASP A 223 -26.96 1.68 10.69
CA ASP A 223 -26.82 2.31 12.00
C ASP A 223 -25.38 2.27 12.53
N ASN A 224 -24.73 1.11 12.37
CA ASN A 224 -23.34 0.93 12.76
C ASN A 224 -22.58 0.32 11.58
N GLU A 225 -21.48 0.97 11.17
CA GLU A 225 -20.75 0.48 10.03
C GLU A 225 -19.32 0.21 10.50
N TRP A 226 -18.94 -1.08 10.51
CA TRP A 226 -17.58 -1.51 10.81
C TRP A 226 -16.76 -1.65 9.58
N SER A 227 -15.60 -0.97 9.53
CA SER A 227 -14.59 -1.29 8.49
C SER A 227 -13.86 -2.58 8.82
N VAL A 228 -14.03 -3.11 10.05
CA VAL A 228 -13.28 -4.30 10.48
C VAL A 228 -14.25 -5.40 10.42
N VAL A 229 -14.09 -6.29 9.44
CA VAL A 229 -15.12 -7.31 9.21
C VAL A 229 -14.50 -8.61 8.78
N PRO A 230 -15.25 -9.68 8.88
CA PRO A 230 -14.73 -11.00 8.50
C PRO A 230 -14.17 -11.02 7.08
N ARG A 231 -13.07 -11.75 6.89
CA ARG A 231 -12.27 -11.65 5.65
C ARG A 231 -12.99 -12.28 4.44
N ARG A 232 -13.89 -13.22 4.75
CA ARG A 232 -14.67 -13.91 3.69
C ARG A 232 -15.58 -12.92 2.96
N LEU A 233 -15.89 -11.75 3.56
CA LEU A 233 -16.65 -10.68 2.87
C LEU A 233 -16.04 -10.25 1.52
N ARG A 234 -14.73 -10.27 1.42
CA ARG A 234 -14.01 -10.04 0.16
C ARG A 234 -14.36 -11.05 -0.96
N SER A 235 -14.84 -12.27 -0.62
CA SER A 235 -15.40 -13.18 -1.62
C SER A 235 -16.92 -13.12 -1.79
N ALA A 236 -17.64 -12.27 -1.05
CA ALA A 236 -19.09 -12.34 -1.07
C ALA A 236 -19.69 -12.12 -2.44
N GLU A 237 -19.09 -11.28 -3.27
CA GLU A 237 -19.77 -10.84 -4.50
C GLU A 237 -19.24 -11.65 -5.70
N LEU A 238 -18.31 -12.57 -5.45
CA LEU A 238 -17.54 -13.22 -6.49
C LEU A 238 -18.24 -14.32 -7.31
N THR A 239 -18.95 -15.27 -6.69
CA THR A 239 -19.37 -16.46 -7.55
C THR A 239 -20.83 -16.95 -7.51
N THR A 254 -22.92 -18.66 6.09
CA THR A 254 -23.43 -17.85 5.00
C THR A 254 -23.64 -16.40 5.49
N VAL A 255 -22.65 -15.56 5.22
CA VAL A 255 -22.65 -14.15 5.58
C VAL A 255 -22.71 -13.43 4.23
N SER A 256 -23.28 -12.24 4.22
CA SER A 256 -23.61 -11.55 2.99
C SER A 256 -23.40 -10.08 3.20
N SER A 257 -23.02 -9.42 2.11
CA SER A 257 -22.77 -8.00 2.09
C SER A 257 -23.96 -7.22 2.60
N GLN A 258 -25.14 -7.84 2.50
CA GLN A 258 -26.42 -7.26 2.88
C GLN A 258 -26.68 -7.36 4.37
N ASP A 259 -26.10 -8.32 5.12
CA ASP A 259 -26.49 -8.44 6.56
C ASP A 259 -26.40 -7.06 7.25
N ASP A 260 -27.26 -6.87 8.24
CA ASP A 260 -27.23 -5.64 8.95
C ASP A 260 -26.00 -5.57 9.90
N ASP A 261 -25.74 -6.70 10.57
CA ASP A 261 -24.60 -6.71 11.48
C ASP A 261 -23.48 -7.57 10.94
N LEU A 262 -22.40 -6.90 10.51
CA LEU A 262 -21.14 -7.57 10.00
C LEU A 262 -19.96 -7.55 10.94
N GLY A 263 -19.85 -6.52 11.78
CA GLY A 263 -18.65 -6.19 12.49
C GLY A 263 -18.75 -6.11 14.00
N SER A 264 -19.90 -6.43 14.60
CA SER A 264 -20.03 -6.28 16.07
C SER A 264 -19.12 -7.35 16.72
N ARG A 265 -18.75 -7.17 17.99
CA ARG A 265 -17.99 -8.22 18.69
C ARG A 265 -18.66 -9.60 18.51
N GLU A 266 -19.96 -9.63 18.65
CA GLU A 266 -20.72 -10.84 18.55
C GLU A 266 -20.66 -11.44 17.18
N ALA A 267 -20.76 -10.60 16.12
CA ALA A 267 -20.63 -11.13 14.74
C ALA A 267 -19.24 -11.57 14.38
N VAL A 268 -18.20 -11.00 14.98
CA VAL A 268 -16.82 -11.38 14.51
C VAL A 268 -16.08 -12.38 15.41
N ALA A 269 -16.56 -12.61 16.62
CA ALA A 269 -15.77 -13.33 17.64
C ALA A 269 -15.31 -14.65 17.07
N GLY A 270 -16.21 -15.44 16.50
CA GLY A 270 -15.81 -16.76 16.01
C GLY A 270 -14.88 -16.73 14.82
N TYR A 271 -14.56 -15.54 14.30
CA TYR A 271 -13.59 -15.49 13.18
C TYR A 271 -12.12 -15.35 13.62
N GLY A 272 -11.91 -14.92 14.87
CA GLY A 272 -10.59 -14.65 15.41
C GLY A 272 -9.84 -13.68 14.47
N ASP A 273 -8.63 -14.09 14.06
CA ASP A 273 -7.79 -13.26 13.18
C ASP A 273 -8.27 -13.25 11.73
N ASN A 274 -9.31 -13.99 11.39
CA ASN A 274 -9.71 -14.17 9.99
C ASN A 274 -10.64 -13.04 9.64
N VAL A 275 -10.17 -11.80 9.99
CA VAL A 275 -10.92 -10.58 9.77
C VAL A 275 -10.00 -9.54 9.19
N CYS A 276 -10.55 -8.44 8.64
CA CYS A 276 -9.67 -7.54 7.90
C CYS A 276 -10.28 -6.15 7.84
N TRP A 277 -9.56 -5.22 7.19
CA TRP A 277 -10.09 -3.87 6.95
C TRP A 277 -10.68 -3.91 5.54
N TYR A 278 -11.93 -3.59 5.43
CA TYR A 278 -12.66 -3.79 4.17
C TYR A 278 -13.84 -2.86 4.29
N PRO A 279 -13.62 -1.57 4.01
CA PRO A 279 -14.59 -0.56 4.35
C PRO A 279 -15.76 -0.41 3.31
N ALA A 280 -16.91 0.05 3.76
CA ALA A 280 -18.12 0.09 2.94
C ALA A 280 -18.21 1.31 1.96
N GLU A 281 -18.69 1.02 0.75
CA GLU A 281 -19.08 2.06 -0.20
C GLU A 281 -20.58 1.97 -0.48
N VAL A 282 -21.28 3.07 -0.22
CA VAL A 282 -22.71 3.17 -0.48
C VAL A 282 -22.84 3.71 -1.90
N ASP A 283 -23.42 2.92 -2.83
CA ASP A 283 -23.61 3.35 -4.21
C ASP A 283 -25.09 3.54 -4.48
N THR A 284 -25.45 4.58 -5.27
CA THR A 284 -26.85 4.80 -5.62
C THR A 284 -26.90 5.66 -6.88
N SER A 285 -28.01 5.60 -7.63
CA SER A 285 -28.15 6.53 -8.71
C SER A 285 -29.01 7.73 -8.32
N ILE A 286 -28.80 8.87 -8.94
CA ILE A 286 -29.64 10.07 -8.73
C ILE A 286 -31.08 9.82 -9.32
N ARG A 287 -31.19 8.86 -10.21
CA ARG A 287 -32.48 8.45 -10.83
C ARG A 287 -32.79 6.99 -10.45
N PRO A 288 -34.04 6.50 -10.68
CA PRO A 288 -34.29 5.07 -10.33
C PRO A 288 -33.37 4.11 -11.10
N GLY A 289 -33.04 4.43 -12.36
CA GLY A 289 -32.12 3.66 -13.17
C GLY A 289 -30.66 4.20 -13.15
N TRP A 290 -29.73 3.35 -13.55
CA TRP A 290 -28.31 3.75 -13.72
C TRP A 290 -28.05 4.49 -15.03
N PHE A 291 -28.66 4.03 -16.14
CA PHE A 291 -28.49 4.76 -17.41
C PHE A 291 -29.56 5.87 -17.52
N TYR A 292 -29.32 6.86 -18.40
CA TYR A 292 -30.31 7.96 -18.59
C TYR A 292 -31.58 7.43 -19.28
N HIS A 293 -32.75 7.69 -18.70
CA HIS A 293 -34.03 7.47 -19.37
C HIS A 293 -34.81 8.78 -19.29
N GLN A 294 -35.30 9.27 -20.43
CA GLN A 294 -36.02 10.53 -20.40
C GLN A 294 -37.24 10.48 -19.48
N SER A 295 -37.89 9.32 -19.41
CA SER A 295 -39.06 9.14 -18.53
C SER A 295 -38.68 9.26 -17.07
N GLU A 296 -37.39 9.26 -16.76
CA GLU A 296 -37.02 9.49 -15.35
C GLU A 296 -36.67 10.95 -14.99
N ASP A 297 -36.82 11.89 -15.93
CA ASP A 297 -36.52 13.30 -15.63
C ASP A 297 -37.26 13.90 -14.45
N ASP A 298 -38.43 13.37 -14.11
CA ASP A 298 -39.15 13.89 -12.93
C ASP A 298 -38.89 13.08 -11.68
N LYS A 299 -37.93 12.14 -11.73
CA LYS A 299 -37.63 11.31 -10.55
C LYS A 299 -36.13 11.49 -10.17
N VAL A 300 -35.58 12.68 -10.49
CA VAL A 300 -34.21 12.99 -10.16
C VAL A 300 -34.14 13.43 -8.68
N MET A 301 -33.33 12.75 -7.85
CA MET A 301 -33.19 13.17 -6.42
C MET A 301 -32.84 14.65 -6.36
N SER A 302 -33.47 15.37 -5.42
CA SER A 302 -33.19 16.80 -5.19
C SER A 302 -31.91 17.07 -4.41
N ALA A 303 -31.50 18.34 -4.43
CA ALA A 303 -30.32 18.81 -3.71
C ALA A 303 -30.33 18.39 -2.27
N ASP A 304 -31.47 18.46 -1.60
CA ASP A 304 -31.51 18.13 -0.21
C ASP A 304 -31.59 16.67 0.07
N GLN A 305 -32.25 15.91 -0.80
CA GLN A 305 -32.26 14.49 -0.61
C GLN A 305 -30.83 14.04 -0.78
N LEU A 306 -30.09 14.55 -1.78
CA LEU A 306 -28.69 14.25 -1.88
C LEU A 306 -27.88 14.71 -0.67
N PHE A 307 -28.14 15.92 -0.15
CA PHE A 307 -27.36 16.35 1.02
C PHE A 307 -27.64 15.44 2.24
N ASP A 308 -28.89 15.00 2.39
CA ASP A 308 -29.20 14.11 3.51
C ASP A 308 -28.45 12.79 3.36
N LEU A 309 -28.28 12.32 2.13
CA LEU A 309 -27.63 11.06 1.83
C LEU A 309 -26.19 11.22 2.24
N TRP A 310 -25.61 12.33 1.81
CA TRP A 310 -24.24 12.71 2.17
C TRP A 310 -23.98 12.73 3.63
N LEU A 311 -24.84 13.42 4.41
CA LEU A 311 -24.67 13.55 5.90
C LEU A 311 -24.76 12.16 6.51
N SER A 312 -25.67 11.40 5.96
CA SER A 312 -25.88 10.06 6.45
C SER A 312 -24.69 9.09 6.14
N ALA A 313 -24.14 9.18 4.91
CA ALA A 313 -23.08 8.26 4.47
C ALA A 313 -21.70 8.73 4.94
N VAL A 314 -21.33 9.95 4.53
CA VAL A 314 -20.07 10.54 4.95
C VAL A 314 -20.08 10.80 6.47
N GLY A 315 -21.25 10.93 7.10
CA GLY A 315 -21.30 10.96 8.56
C GLY A 315 -21.60 9.63 9.16
N GLY A 316 -21.37 8.55 8.43
CA GLY A 316 -21.73 7.19 8.92
C GLY A 316 -20.73 6.16 8.44
N ASN A 317 -19.47 6.58 8.33
CA ASN A 317 -18.32 5.70 8.06
C ASN A 317 -18.50 4.94 6.74
N SER A 318 -19.03 5.64 5.75
CA SER A 318 -19.42 5.01 4.50
C SER A 318 -19.00 5.94 3.41
N SER A 319 -18.28 5.39 2.46
CA SER A 319 -18.00 6.23 1.28
C SER A 319 -19.24 6.31 0.33
N LEU A 320 -19.45 7.49 -0.29
CA LEU A 320 -20.64 7.72 -1.14
C LEU A 320 -20.30 7.73 -2.66
N LEU A 321 -20.80 6.76 -3.43
CA LEU A 321 -20.62 6.68 -4.86
C LEU A 321 -21.98 7.00 -5.51
N LEU A 322 -22.13 8.22 -6.04
CA LEU A 322 -23.42 8.68 -6.59
C LEU A 322 -23.32 8.67 -8.12
N ASN A 323 -24.25 7.96 -8.79
CA ASN A 323 -24.31 7.94 -10.27
C ASN A 323 -25.18 9.06 -10.88
N ILE A 324 -24.71 9.67 -11.94
CA ILE A 324 -25.42 10.71 -12.67
C ILE A 324 -25.22 10.37 -14.16
N PRO A 325 -26.29 9.87 -14.83
CA PRO A 325 -26.07 9.41 -16.21
C PRO A 325 -26.19 10.56 -17.25
N PRO A 326 -25.18 10.76 -18.14
CA PRO A 326 -25.30 11.61 -19.33
C PRO A 326 -26.44 11.10 -20.20
N SER A 327 -27.15 12.05 -20.83
CA SER A 327 -28.19 11.80 -21.80
C SER A 327 -27.62 11.25 -23.12
N PRO A 328 -28.50 10.72 -24.02
CA PRO A 328 -27.96 10.34 -25.34
C PRO A 328 -27.49 11.53 -26.19
N GLU A 329 -27.94 12.76 -25.91
CA GLU A 329 -27.33 13.89 -26.55
C GLU A 329 -25.84 13.94 -26.17
N GLY A 330 -25.52 13.53 -24.95
CA GLY A 330 -24.13 13.50 -24.42
C GLY A 330 -23.83 14.57 -23.35
N LEU A 331 -24.86 14.99 -22.62
CA LEU A 331 -24.81 16.00 -21.57
C LEU A 331 -25.48 15.49 -20.31
N LEU A 332 -25.11 16.03 -19.17
CA LEU A 332 -25.91 15.80 -17.99
C LEU A 332 -27.20 16.64 -18.10
N ALA A 333 -28.38 16.04 -17.86
CA ALA A 333 -29.67 16.76 -17.97
C ALA A 333 -29.76 17.92 -16.93
N GLU A 334 -30.70 18.85 -17.11
CA GLU A 334 -30.77 20.07 -16.26
C GLU A 334 -31.09 19.73 -14.80
N PRO A 335 -32.10 18.91 -14.55
CA PRO A 335 -32.43 18.64 -13.13
C PRO A 335 -31.23 18.08 -12.38
N ASP A 336 -30.50 17.17 -13.04
CA ASP A 336 -29.33 16.52 -12.42
C ASP A 336 -28.24 17.56 -12.08
N VAL A 337 -27.92 18.45 -13.02
CA VAL A 337 -27.00 19.55 -12.80
C VAL A 337 -27.51 20.46 -11.68
N GLN A 338 -28.80 20.82 -11.70
CA GLN A 338 -29.35 21.58 -10.56
C GLN A 338 -29.19 20.85 -9.23
N SER A 339 -29.44 19.54 -9.20
CA SER A 339 -29.28 18.89 -7.89
C SER A 339 -27.82 18.87 -7.47
N LEU A 340 -26.91 18.61 -8.41
CA LEU A 340 -25.49 18.53 -8.07
C LEU A 340 -25.00 19.90 -7.58
N LYS A 341 -25.30 20.95 -8.35
CA LYS A 341 -24.93 22.31 -7.89
C LYS A 341 -25.38 22.55 -6.47
N GLY A 342 -26.61 22.13 -6.17
CA GLY A 342 -27.20 22.33 -4.86
C GLY A 342 -26.65 21.42 -3.78
N LEU A 343 -26.33 20.17 -4.12
CA LEU A 343 -25.67 19.29 -3.18
C LEU A 343 -24.28 19.91 -2.78
N GLY A 344 -23.50 20.34 -3.78
CA GLY A 344 -22.18 20.98 -3.54
C GLY A 344 -22.21 22.30 -2.73
N ARG A 345 -23.25 23.13 -2.92
CA ARG A 345 -23.43 24.30 -2.08
C ARG A 345 -23.60 23.83 -0.61
N ARG A 346 -24.47 22.86 -0.41
CA ARG A 346 -24.76 22.38 0.94
C ARG A 346 -23.50 21.77 1.62
N VAL A 347 -22.77 20.90 0.91
CA VAL A 347 -21.59 20.21 1.50
C VAL A 347 -20.55 21.32 1.80
N SER A 348 -20.45 22.28 0.89
CA SER A 348 -19.47 23.30 1.04
C SER A 348 -19.80 24.26 2.17
N GLU A 349 -21.07 24.51 2.47
CA GLU A 349 -21.42 25.24 3.72
C GLU A 349 -21.24 24.42 4.98
N PHE A 350 -21.58 23.15 4.91
CA PHE A 350 -21.22 22.27 6.00
C PHE A 350 -19.73 22.30 6.36
N ARG A 351 -18.86 22.08 5.37
CA ARG A 351 -17.41 22.02 5.54
C ARG A 351 -16.89 23.33 6.14
N GLU A 352 -17.46 24.42 5.64
CA GLU A 352 -17.15 25.75 6.09
C GLU A 352 -17.57 25.91 7.53
N ALA A 353 -18.75 25.43 7.89
CA ALA A 353 -19.14 25.50 9.28
C ALA A 353 -18.15 24.73 10.18
N LEU A 354 -17.90 23.44 9.90
CA LEU A 354 -16.99 22.60 10.66
C LEU A 354 -15.60 23.28 10.86
N ALA A 355 -15.12 23.99 9.83
CA ALA A 355 -13.76 24.51 9.82
C ALA A 355 -13.66 25.82 10.60
N SER A 356 -14.78 26.54 10.76
CA SER A 356 -14.71 27.81 11.39
C SER A 356 -15.39 27.81 12.73
N VAL A 357 -15.96 26.67 13.17
CA VAL A 357 -16.41 26.65 14.58
C VAL A 357 -15.20 26.64 15.51
N ARG A 358 -15.42 27.15 16.71
CA ARG A 358 -14.38 27.37 17.70
C ARG A 358 -14.93 27.23 19.11
N CYS A 359 -14.68 26.05 19.69
CA CYS A 359 -15.00 25.72 21.05
C CYS A 359 -13.69 25.43 21.79
N GLU A 360 -13.71 25.52 23.10
CA GLU A 360 -12.58 25.05 23.88
C GLU A 360 -12.85 23.57 24.15
N ALA A 361 -11.83 22.73 24.03
CA ALA A 361 -12.00 21.29 24.30
C ALA A 361 -11.35 20.92 25.61
N ARG A 362 -12.10 20.28 26.49
CA ARG A 362 -11.52 19.63 27.69
C ARG A 362 -11.79 18.17 27.69
N THR A 363 -10.85 17.43 28.26
CA THR A 363 -10.91 15.96 28.24
C THR A 363 -10.86 15.33 29.59
N SER A 364 -11.40 14.11 29.72
CA SER A 364 -11.47 13.46 30.98
C SER A 364 -10.09 13.03 31.48
N SER A 365 -9.09 12.89 30.59
CA SER A 365 -7.70 12.46 30.91
C SER A 365 -6.76 12.81 29.74
N ALA A 366 -5.46 12.71 29.92
CA ALA A 366 -4.46 13.12 28.92
C ALA A 366 -4.74 14.48 28.36
N SER A 367 -4.94 15.49 29.21
CA SER A 367 -5.27 16.87 28.80
C SER A 367 -4.28 17.54 27.90
N ALA A 368 -3.03 17.12 27.98
CA ALA A 368 -2.01 17.72 27.14
C ALA A 368 -2.33 17.49 25.65
N ALA A 369 -3.28 16.60 25.35
CA ALA A 369 -3.53 16.21 23.96
C ALA A 369 -4.89 16.66 23.48
N ALA A 370 -5.60 17.36 24.38
CA ALA A 370 -6.92 17.85 24.09
C ALA A 370 -6.87 18.86 22.94
N ALA A 371 -5.80 19.64 22.76
CA ALA A 371 -5.74 20.54 21.58
C ALA A 371 -5.82 19.76 20.22
N HIS A 372 -5.51 18.44 20.19
CA HIS A 372 -5.59 17.61 18.99
C HIS A 372 -6.98 17.42 18.46
N LEU A 373 -7.98 17.55 19.32
CA LEU A 373 -9.35 17.45 18.93
C LEU A 373 -9.83 18.65 18.11
N VAL A 374 -9.12 19.78 18.25
CA VAL A 374 -9.56 21.04 17.61
C VAL A 374 -8.47 21.82 16.87
N ASP A 375 -7.47 21.15 16.33
CA ASP A 375 -6.32 21.85 15.71
C ASP A 375 -6.40 21.81 14.19
N GLY A 376 -7.49 21.25 13.70
CA GLY A 376 -7.62 21.15 12.22
C GLY A 376 -6.62 20.23 11.54
N ASN A 377 -6.09 19.23 12.27
CA ASN A 377 -5.05 18.40 11.70
C ASN A 377 -5.54 16.98 11.84
N ARG A 378 -5.72 16.28 10.73
CA ARG A 378 -6.32 14.95 10.81
C ARG A 378 -5.30 13.88 11.30
N ASP A 379 -4.02 14.24 11.42
CA ASP A 379 -2.98 13.29 11.83
C ASP A 379 -2.72 13.43 13.29
N THR A 380 -3.32 14.38 13.99
CA THR A 380 -3.15 14.41 15.46
C THR A 380 -4.40 13.95 16.12
N PHE A 381 -4.29 13.24 17.25
CA PHE A 381 -5.50 12.80 17.94
C PHE A 381 -5.37 12.89 19.44
N TRP A 382 -6.52 12.84 20.09
CA TRP A 382 -6.54 12.65 21.50
C TRP A 382 -6.87 11.19 21.85
N ARG A 383 -6.21 10.65 22.88
CA ARG A 383 -6.49 9.28 23.34
C ARG A 383 -6.45 9.31 24.87
N PRO A 384 -7.53 8.87 25.55
CA PRO A 384 -7.62 8.93 27.01
C PRO A 384 -6.64 7.92 27.59
N ASP A 385 -6.12 8.15 28.82
CA ASP A 385 -5.27 7.14 29.49
C ASP A 385 -5.99 5.83 29.62
N ALA A 386 -5.24 4.72 29.63
CA ALA A 386 -5.90 3.39 29.62
C ALA A 386 -6.73 3.12 30.87
N ASP A 387 -6.45 3.82 31.97
CA ASP A 387 -7.23 3.59 33.20
C ASP A 387 -8.38 4.59 33.37
N ASP A 388 -8.51 5.55 32.45
CA ASP A 388 -9.68 6.40 32.38
C ASP A 388 -10.97 5.52 32.22
N ALA A 389 -11.77 5.40 33.29
CA ALA A 389 -12.98 4.56 33.21
C ALA A 389 -14.15 5.22 32.45
N ALA A 390 -14.10 6.52 32.18
CA ALA A 390 -15.23 7.16 31.48
C ALA A 390 -14.68 8.25 30.55
N PRO A 391 -14.12 7.85 29.40
CA PRO A 391 -13.48 8.84 28.52
C PRO A 391 -14.52 9.82 28.03
N ALA A 392 -14.23 11.10 28.12
CA ALA A 392 -15.20 12.10 27.72
C ALA A 392 -14.47 13.33 27.26
N ILE A 393 -15.14 14.03 26.35
CA ILE A 393 -14.68 15.29 25.79
C ILE A 393 -15.81 16.28 26.06
N THR A 394 -15.44 17.47 26.55
CA THR A 394 -16.41 18.57 26.65
C THR A 394 -15.94 19.75 25.81
N LEU A 395 -16.87 20.26 25.04
CA LEU A 395 -16.63 21.30 24.06
C LEU A 395 -17.46 22.48 24.49
N THR A 396 -16.78 23.55 24.89
CA THR A 396 -17.50 24.65 25.51
C THR A 396 -17.57 25.77 24.51
N LEU A 397 -18.78 26.22 24.20
CA LEU A 397 -18.94 27.17 23.12
C LEU A 397 -18.54 28.61 23.60
N PRO A 398 -18.01 29.46 22.70
CA PRO A 398 -17.64 30.81 23.23
C PRO A 398 -18.85 31.60 23.83
N GLN A 399 -20.08 31.31 23.38
CA GLN A 399 -21.30 32.00 23.79
C GLN A 399 -22.32 30.90 23.77
N PRO A 400 -23.47 31.05 24.45
CA PRO A 400 -24.56 30.08 24.22
C PRO A 400 -24.88 30.02 22.73
N THR A 401 -25.15 28.84 22.16
CA THR A 401 -25.25 28.69 20.69
C THR A 401 -26.27 27.65 20.27
N THR A 402 -27.01 27.93 19.19
CA THR A 402 -27.88 26.94 18.63
C THR A 402 -27.14 25.89 17.73
N ILE A 403 -27.18 24.63 18.13
CA ILE A 403 -26.52 23.55 17.35
C ILE A 403 -27.51 22.46 17.07
N ASN A 404 -27.16 21.60 16.12
CA ASN A 404 -28.00 20.42 15.82
C ASN A 404 -27.23 19.22 15.26
N ALA A 405 -25.91 19.18 15.49
CA ALA A 405 -25.12 17.97 15.18
C ALA A 405 -23.84 18.02 15.99
N ILE A 406 -23.26 16.87 16.30
CA ILE A 406 -21.87 16.90 16.64
C ILE A 406 -21.10 16.06 15.56
N VAL A 407 -19.84 16.41 15.29
CA VAL A 407 -19.08 15.68 14.32
C VAL A 407 -17.96 15.15 15.15
N ILE A 408 -17.64 13.89 14.92
CA ILE A 408 -16.49 13.27 15.56
C ILE A 408 -15.75 12.29 14.62
N GLU A 409 -14.43 12.33 14.64
CA GLU A 409 -13.61 11.48 13.74
C GLU A 409 -12.60 10.62 14.51
N GLU A 410 -12.52 9.33 14.21
CA GLU A 410 -11.40 8.52 14.70
C GLU A 410 -10.15 8.62 13.78
N ALA A 411 -8.97 8.50 14.38
CA ALA A 411 -7.69 8.49 13.66
C ALA A 411 -7.57 7.09 13.06
N ILE A 412 -8.34 6.84 12.00
CA ILE A 412 -8.58 5.49 11.50
C ILE A 412 -7.30 4.84 10.93
N GLU A 413 -6.23 5.64 10.73
CA GLU A 413 -4.90 5.09 10.50
C GLU A 413 -4.54 4.03 11.50
N HIS A 414 -4.98 4.22 12.74
CA HIS A 414 -4.66 3.36 13.87
C HIS A 414 -5.75 2.35 14.22
N GLY A 415 -6.81 2.28 13.41
CA GLY A 415 -7.82 1.28 13.61
C GLY A 415 -9.19 1.94 13.88
N GLN A 416 -10.19 1.09 14.08
CA GLN A 416 -11.55 1.55 14.37
C GLN A 416 -11.98 1.03 15.73
N ARG A 417 -12.26 1.96 16.66
CA ARG A 417 -12.45 1.50 18.06
C ARG A 417 -13.79 1.75 18.77
N ILE A 418 -14.33 2.93 18.51
CA ILE A 418 -15.45 3.41 19.26
C ILE A 418 -16.68 2.50 19.04
N GLU A 419 -17.32 2.08 20.14
CA GLU A 419 -18.46 1.16 20.06
C GLU A 419 -19.79 1.83 20.50
N HIS A 420 -19.69 2.81 21.39
CA HIS A 420 -20.82 3.61 21.84
C HIS A 420 -20.41 5.01 22.21
N LEU A 421 -21.23 5.93 21.77
CA LEU A 421 -20.99 7.29 22.06
C LEU A 421 -22.35 7.85 22.56
N ARG A 422 -22.38 8.58 23.66
CA ARG A 422 -23.60 9.26 24.09
C ARG A 422 -23.29 10.75 24.23
N VAL A 423 -24.13 11.61 23.71
CA VAL A 423 -23.81 13.02 23.72
C VAL A 423 -24.79 13.73 24.63
N THR A 424 -24.25 14.56 25.53
CA THR A 424 -25.09 15.39 26.39
C THR A 424 -24.80 16.86 26.15
N GLY A 425 -25.77 17.73 26.46
CA GLY A 425 -25.64 19.19 26.28
C GLY A 425 -25.92 19.92 27.63
N ALA A 426 -25.09 20.91 27.95
CA ALA A 426 -25.38 21.78 29.09
C ALA A 426 -26.13 23.03 28.59
N LEU A 427 -27.35 23.17 29.09
CA LEU A 427 -28.22 24.28 28.72
C LEU A 427 -27.79 25.57 29.45
N PRO A 428 -28.22 26.75 28.94
CA PRO A 428 -27.85 27.92 29.74
C PRO A 428 -28.45 27.93 31.14
N ASP A 429 -29.68 27.42 31.33
CA ASP A 429 -30.19 27.34 32.72
C ASP A 429 -29.42 26.33 33.60
N GLY A 430 -28.48 25.62 32.99
CA GLY A 430 -27.62 24.73 33.72
C GLY A 430 -28.15 23.30 33.79
N THR A 431 -29.31 22.99 33.20
CA THR A 431 -29.66 21.56 33.08
C THR A 431 -28.90 20.97 31.94
N GLU A 432 -28.96 19.64 31.89
CA GLU A 432 -28.37 18.94 30.81
C GLU A 432 -29.36 17.96 30.24
N ARG A 433 -29.35 17.86 28.91
CA ARG A 433 -30.15 16.96 28.12
C ARG A 433 -29.24 15.98 27.40
N VAL A 434 -29.70 14.73 27.31
CA VAL A 434 -29.16 13.72 26.45
C VAL A 434 -29.58 14.06 25.03
N LEU A 435 -28.61 14.52 24.25
CA LEU A 435 -28.89 15.05 22.95
C LEU A 435 -28.93 13.96 21.94
N GLY A 436 -28.37 12.80 22.23
CA GLY A 436 -28.33 11.74 21.19
C GLY A 436 -27.22 10.74 21.42
N GLN A 437 -27.26 9.62 20.71
CA GLN A 437 -26.35 8.49 20.95
C GLN A 437 -26.00 7.88 19.60
N ALA A 438 -24.83 7.25 19.52
CA ALA A 438 -24.45 6.51 18.30
C ALA A 438 -23.57 5.30 18.62
N GLY A 439 -23.43 4.37 17.70
CA GLY A 439 -22.54 3.24 17.96
C GLY A 439 -21.14 3.58 17.45
N THR A 440 -20.90 3.20 16.19
CA THR A 440 -19.55 3.26 15.57
C THR A 440 -19.25 4.69 15.14
N VAL A 441 -17.96 5.00 15.07
CA VAL A 441 -17.52 6.32 14.54
C VAL A 441 -16.75 6.11 13.21
N GLY A 442 -15.50 5.65 13.27
CA GLY A 442 -14.70 5.38 12.08
C GLY A 442 -14.26 6.68 11.45
N TYR A 443 -14.32 6.76 10.14
CA TYR A 443 -13.83 7.95 9.48
C TYR A 443 -14.56 9.25 10.01
N ARG A 444 -15.91 9.23 10.13
CA ARG A 444 -16.66 10.37 10.62
C ARG A 444 -18.07 9.93 10.98
N ARG A 445 -18.48 10.36 12.17
CA ARG A 445 -19.86 10.29 12.62
C ARG A 445 -20.42 11.74 12.69
N ILE A 446 -21.50 11.97 11.95
CA ILE A 446 -22.29 13.23 12.10
C ILE A 446 -23.56 12.83 12.79
N LEU A 447 -23.63 13.13 14.08
CA LEU A 447 -24.73 12.67 14.90
C LEU A 447 -25.65 13.91 14.94
N ARG A 448 -26.85 13.79 14.34
CA ARG A 448 -27.85 14.87 14.17
C ARG A 448 -28.92 14.85 15.24
N PHE A 449 -29.43 16.01 15.63
CA PHE A 449 -30.58 16.06 16.58
C PHE A 449 -31.39 17.40 16.41
N ASP A 450 -32.46 17.63 17.19
CA ASP A 450 -33.22 18.90 16.96
C ASP A 450 -32.44 20.15 17.40
N ASP A 451 -32.63 21.26 16.68
CA ASP A 451 -32.00 22.55 17.03
C ASP A 451 -32.06 22.72 18.53
N VAL A 452 -31.00 23.24 19.12
CA VAL A 452 -30.92 23.33 20.58
C VAL A 452 -29.84 24.34 20.90
N GLU A 453 -30.15 25.28 21.79
CA GLU A 453 -29.15 26.24 22.22
C GLU A 453 -28.41 25.63 23.39
N VAL A 454 -27.07 25.65 23.37
CA VAL A 454 -26.30 25.03 24.47
C VAL A 454 -25.13 25.92 24.88
N SER A 455 -24.63 25.69 26.09
CA SER A 455 -23.37 26.30 26.60
C SER A 455 -22.20 25.40 26.23
N SER A 456 -22.38 24.10 26.48
CA SER A 456 -21.38 23.10 26.13
C SER A 456 -22.01 21.78 25.74
N VAL A 457 -21.18 20.89 25.17
CA VAL A 457 -21.62 19.52 24.87
C VAL A 457 -20.61 18.56 25.49
N THR A 458 -21.03 17.41 25.96
CA THR A 458 -20.08 16.45 26.41
C THR A 458 -20.30 15.23 25.58
N LEU A 459 -19.20 14.61 25.12
CA LEU A 459 -19.25 13.40 24.33
C LEU A 459 -18.71 12.27 25.19
N HIS A 460 -19.60 11.42 25.64
CA HIS A 460 -19.23 10.34 26.50
C HIS A 460 -18.89 9.20 25.60
N VAL A 461 -17.61 8.90 25.50
CA VAL A 461 -17.24 7.73 24.67
C VAL A 461 -17.37 6.55 25.61
N ASP A 462 -18.57 6.06 25.80
CA ASP A 462 -18.70 5.08 26.83
C ASP A 462 -18.59 3.62 26.43
N GLY A 463 -18.30 3.37 25.17
CA GLY A 463 -17.95 1.98 24.76
C GLY A 463 -16.80 2.11 23.75
N SER A 464 -15.74 1.32 23.95
CA SER A 464 -14.60 1.32 23.01
C SER A 464 -13.81 0.02 23.02
N ARG A 465 -13.15 -0.31 21.89
CA ARG A 465 -12.31 -1.55 21.82
C ARG A 465 -10.92 -1.05 22.16
N LEU A 466 -10.54 -1.10 23.46
CA LEU A 466 -9.34 -0.39 23.97
C LEU A 466 -9.48 1.12 23.78
N ALA A 467 -8.44 1.85 24.04
CA ALA A 467 -8.61 3.29 24.13
C ALA A 467 -8.85 3.91 22.72
N PRO A 468 -9.88 4.74 22.61
CA PRO A 468 -10.15 5.39 21.29
C PRO A 468 -9.15 6.49 20.94
N MET A 469 -8.89 6.68 19.64
CA MET A 469 -8.03 7.77 19.15
C MET A 469 -8.82 8.76 18.27
N ILE A 470 -9.06 9.96 18.80
CA ILE A 470 -10.05 10.85 18.22
C ILE A 470 -9.33 12.06 17.64
N SER A 471 -9.48 12.26 16.34
CA SER A 471 -8.67 13.24 15.68
C SER A 471 -9.41 14.57 15.42
N ARG A 472 -10.73 14.58 15.61
CA ARG A 472 -11.54 15.82 15.61
C ARG A 472 -12.83 15.63 16.37
N ALA A 473 -13.26 16.72 16.98
CA ALA A 473 -14.58 16.84 17.59
C ALA A 473 -15.07 18.28 17.49
N ALA A 474 -16.35 18.41 17.18
CA ALA A 474 -16.95 19.71 16.93
C ALA A 474 -18.46 19.63 17.19
N ALA A 475 -19.05 20.75 17.58
CA ALA A 475 -20.50 20.86 17.62
C ALA A 475 -20.84 22.00 16.70
N VAL A 476 -21.88 21.79 15.91
CA VAL A 476 -22.05 22.50 14.69
C VAL A 476 -23.59 22.66 14.47
N ARG A 477 -23.97 23.59 13.63
CA ARG A 477 -25.36 23.77 13.28
C ARG A 477 -25.45 23.61 11.77
N ILE A 478 -26.12 22.55 11.35
CA ILE A 478 -26.23 22.19 9.94
C ILE A 478 -27.40 22.98 9.32
N ILE B 9 6.01 -12.16 -25.78
CA ILE B 9 6.41 -10.90 -25.06
C ILE B 9 5.41 -9.71 -25.22
N ASN B 10 4.75 -9.33 -24.12
CA ASN B 10 3.99 -8.07 -24.12
C ASN B 10 4.72 -6.98 -23.31
N LEU B 11 5.43 -6.13 -24.02
CA LEU B 11 6.12 -5.03 -23.41
C LEU B 11 5.19 -4.02 -22.69
N ASN B 12 4.00 -3.77 -23.23
CA ASN B 12 3.08 -2.84 -22.58
C ASN B 12 2.67 -3.34 -21.19
N TYR B 13 2.73 -4.66 -20.96
CA TYR B 13 2.48 -5.15 -19.63
C TYR B 13 3.77 -5.10 -18.80
N LEU B 14 4.84 -5.79 -19.26
CA LEU B 14 6.13 -5.83 -18.54
C LEU B 14 6.74 -4.52 -18.10
N ALA B 15 6.88 -3.59 -19.04
CA ALA B 15 7.48 -2.26 -18.76
C ALA B 15 6.66 -1.46 -17.81
N ASN B 16 5.48 -1.96 -17.48
CA ASN B 16 4.58 -1.22 -16.61
C ASN B 16 4.23 -1.90 -15.28
N VAL B 17 4.86 -3.05 -14.98
CA VAL B 17 4.79 -3.67 -13.67
C VAL B 17 5.54 -2.75 -12.69
N ARG B 18 4.92 -2.35 -11.58
CA ARG B 18 5.44 -1.34 -10.67
C ARG B 18 5.45 -1.82 -9.23
N PRO B 19 6.33 -1.26 -8.38
CA PRO B 19 6.29 -1.54 -6.93
C PRO B 19 5.04 -0.93 -6.25
N SER B 20 4.52 -1.62 -5.21
CA SER B 20 3.61 -1.01 -4.29
C SER B 20 4.35 0.08 -3.54
N SER B 21 3.60 0.91 -2.86
CA SER B 21 4.24 2.00 -2.15
C SER B 21 5.01 1.42 -0.95
N ARG B 22 4.55 0.27 -0.40
CA ARG B 22 5.39 -0.30 0.67
C ARG B 22 6.75 -0.86 0.14
N GLN B 23 6.77 -1.45 -1.06
CA GLN B 23 8.03 -1.95 -1.69
C GLN B 23 8.91 -0.80 -2.11
N LEU B 24 8.28 0.32 -2.41
CA LEU B 24 9.01 1.54 -2.78
C LEU B 24 9.69 2.17 -1.59
N ALA B 25 8.98 2.26 -0.46
CA ALA B 25 9.58 2.74 0.81
C ALA B 25 10.71 1.78 1.28
N TRP B 26 10.45 0.47 1.24
CA TRP B 26 11.54 -0.52 1.60
C TRP B 26 12.74 -0.37 0.69
N GLN B 27 12.54 -0.21 -0.62
CA GLN B 27 13.70 -0.05 -1.51
C GLN B 27 14.61 1.18 -1.13
N ARG B 28 14.00 2.32 -0.74
CA ARG B 28 14.73 3.49 -0.34
C ARG B 28 15.62 3.29 0.90
N MET B 29 15.36 2.23 1.65
CA MET B 29 16.24 1.91 2.82
C MET B 29 17.65 1.55 2.41
N GLU B 30 17.77 0.81 1.30
CA GLU B 30 19.05 0.35 0.73
C GLU B 30 19.83 -0.74 1.50
N MET B 31 20.10 -0.48 2.79
CA MET B 31 20.95 -1.36 3.65
C MET B 31 20.44 -1.26 5.08
N TYR B 32 20.29 -2.41 5.71
CA TYR B 32 19.75 -2.41 7.08
C TYR B 32 20.34 -3.68 7.70
N ALA B 33 20.27 -3.83 9.02
CA ALA B 33 21.03 -4.89 9.72
C ALA B 33 20.15 -6.05 10.17
N PHE B 34 20.74 -7.23 10.20
CA PHE B 34 20.09 -8.38 10.82
C PHE B 34 20.69 -8.46 12.26
N LEU B 35 19.92 -8.76 13.32
CA LEU B 35 20.56 -9.02 14.63
C LEU B 35 20.17 -10.44 15.01
N HIS B 36 21.06 -11.43 14.77
CA HIS B 36 20.72 -12.78 15.28
C HIS B 36 21.24 -12.84 16.69
N PHE B 37 20.34 -13.07 17.63
CA PHE B 37 20.66 -13.09 19.02
C PHE B 37 19.65 -13.90 19.80
N GLY B 38 20.12 -14.59 20.87
CA GLY B 38 19.16 -15.29 21.76
C GLY B 38 19.71 -16.57 22.39
N MET B 39 18.92 -17.63 22.49
CA MET B 39 19.43 -18.87 23.09
C MET B 39 20.73 -19.35 22.41
N ASN B 40 20.73 -19.42 21.07
CA ASN B 40 21.93 -19.85 20.35
C ASN B 40 23.20 -19.04 20.67
N THR B 41 23.08 -17.74 20.92
CA THR B 41 24.20 -16.99 21.42
C THR B 41 24.78 -17.57 22.73
N MET B 42 23.90 -17.99 23.64
CA MET B 42 24.32 -18.46 24.98
C MET B 42 24.93 -19.85 24.92
N THR B 43 24.52 -20.65 23.96
CA THR B 43 25.03 -21.98 23.92
C THR B 43 26.07 -22.10 22.81
N ASP B 44 26.40 -20.97 22.17
CA ASP B 44 27.42 -20.92 21.11
C ASP B 44 27.12 -21.86 19.91
N ARG B 45 25.87 -21.87 19.43
CA ARG B 45 25.42 -22.79 18.38
C ARG B 45 24.86 -22.03 17.21
N GLU B 46 24.83 -22.67 16.04
CA GLU B 46 24.24 -22.01 14.89
C GLU B 46 22.75 -22.37 14.81
N TRP B 47 22.43 -23.62 15.18
CA TRP B 47 21.01 -24.05 15.37
C TRP B 47 20.80 -24.59 16.76
N GLY B 48 19.77 -24.17 17.47
CA GLY B 48 19.55 -24.75 18.83
C GLY B 48 18.79 -26.05 18.66
N LEU B 49 18.77 -26.91 19.66
CA LEU B 49 18.00 -28.17 19.60
C LEU B 49 16.54 -28.04 20.10
N GLY B 50 16.22 -26.94 20.78
CA GLY B 50 14.90 -26.83 21.41
C GLY B 50 15.01 -27.31 22.85
N HIS B 51 14.14 -26.83 23.72
CA HIS B 51 14.05 -27.27 25.14
C HIS B 51 15.22 -26.88 25.98
N GLU B 52 15.98 -25.86 25.52
CA GLU B 52 17.09 -25.29 26.27
C GLU B 52 16.59 -24.72 27.58
N ASP B 53 17.42 -24.83 28.61
CA ASP B 53 17.15 -24.31 29.94
C ASP B 53 17.10 -22.78 29.84
N PRO B 54 15.97 -22.17 30.26
CA PRO B 54 15.90 -20.70 30.19
C PRO B 54 16.81 -20.03 31.15
N ALA B 55 17.38 -20.76 32.12
CA ALA B 55 18.45 -20.16 32.95
C ALA B 55 19.73 -19.84 32.11
N LEU B 56 19.87 -20.44 30.92
CA LEU B 56 21.01 -20.16 30.07
C LEU B 56 21.00 -18.72 29.52
N PHE B 57 19.85 -18.08 29.53
CA PHE B 57 19.71 -16.71 28.96
C PHE B 57 19.90 -15.76 30.08
N ASN B 58 21.15 -15.40 30.30
CA ASN B 58 21.45 -14.42 31.37
C ASN B 58 22.52 -13.41 31.00
N PRO B 59 22.38 -12.73 29.84
CA PRO B 59 23.51 -11.87 29.48
C PRO B 59 23.72 -10.78 30.50
N ARG B 60 24.98 -10.51 30.80
CA ARG B 60 25.26 -9.65 31.93
C ARG B 60 25.28 -8.16 31.57
N ASN B 61 25.55 -7.83 30.30
CA ASN B 61 25.66 -6.42 29.87
C ASN B 61 24.89 -6.06 28.56
N VAL B 62 23.64 -6.49 28.46
CA VAL B 62 22.86 -6.08 27.32
C VAL B 62 22.81 -4.56 27.23
N ASP B 63 23.34 -3.99 26.14
CA ASP B 63 23.29 -2.52 25.98
C ASP B 63 22.88 -2.20 24.55
N VAL B 64 21.58 -2.17 24.28
CA VAL B 64 21.09 -2.04 22.89
C VAL B 64 21.47 -0.65 22.36
N ASP B 65 21.64 0.32 23.24
CA ASP B 65 22.08 1.62 22.75
C ASP B 65 23.48 1.50 22.09
N GLN B 66 24.33 0.62 22.65
CA GLN B 66 25.64 0.41 22.07
C GLN B 66 25.46 -0.25 20.70
N TRP B 67 24.48 -1.16 20.54
CA TRP B 67 24.24 -1.74 19.20
C TRP B 67 23.82 -0.64 18.31
N MET B 68 22.81 0.13 18.71
CA MET B 68 22.27 1.05 17.77
C MET B 68 23.30 2.09 17.37
N ASP B 69 24.16 2.56 18.30
CA ASP B 69 25.14 3.55 17.84
C ASP B 69 26.05 2.97 16.77
N ALA B 70 26.51 1.72 16.96
CA ALA B 70 27.39 1.14 15.96
C ALA B 70 26.64 1.02 14.58
N LEU B 71 25.35 0.71 14.60
CA LEU B 71 24.61 0.49 13.36
C LEU B 71 24.39 1.83 12.65
N VAL B 72 24.13 2.89 13.44
CA VAL B 72 24.04 4.25 12.87
C VAL B 72 25.36 4.63 12.22
N ALA B 73 26.47 4.31 12.89
CA ALA B 73 27.79 4.62 12.38
C ALA B 73 28.09 3.80 11.14
N GLY B 74 27.52 2.62 11.04
CA GLY B 74 27.65 1.85 9.82
C GLY B 74 26.73 2.26 8.65
N GLY B 75 25.86 3.27 8.85
CA GLY B 75 24.97 3.69 7.74
C GLY B 75 23.73 2.82 7.53
N MET B 76 23.33 2.05 8.54
CA MET B 76 22.17 1.18 8.43
C MET B 76 20.88 2.01 8.48
N ALA B 77 19.78 1.59 7.84
CA ALA B 77 18.51 2.41 7.87
C ALA B 77 17.54 1.75 8.83
N GLY B 78 17.87 0.52 9.23
CA GLY B 78 16.96 -0.19 10.10
C GLY B 78 17.62 -1.45 10.65
N VAL B 79 16.88 -2.16 11.46
CA VAL B 79 17.39 -3.38 12.06
C VAL B 79 16.23 -4.39 12.17
N ILE B 80 16.55 -5.67 11.97
CA ILE B 80 15.58 -6.78 12.02
C ILE B 80 16.16 -7.74 13.06
N LEU B 81 15.41 -7.90 14.15
CA LEU B 81 15.79 -8.76 15.27
C LEU B 81 15.20 -10.15 15.13
N THR B 82 15.97 -11.21 15.48
CA THR B 82 15.41 -12.61 15.54
C THR B 82 14.67 -12.70 16.92
N CYS B 83 13.38 -12.34 16.90
CA CYS B 83 12.56 -12.34 18.09
C CYS B 83 12.33 -13.73 18.54
N LYS B 84 12.32 -14.69 17.61
CA LYS B 84 12.39 -16.09 18.01
C LYS B 84 13.07 -16.82 16.83
N HIS B 85 14.13 -17.54 17.12
CA HIS B 85 14.75 -18.41 16.09
C HIS B 85 14.16 -19.81 16.12
N HIS B 86 14.70 -20.76 15.32
CA HIS B 86 14.09 -22.14 15.26
C HIS B 86 14.04 -22.86 16.55
N ASP B 87 14.91 -22.47 17.48
CA ASP B 87 14.98 -23.14 18.79
C ASP B 87 13.71 -22.87 19.60
N GLY B 88 13.05 -21.74 19.36
CA GLY B 88 11.77 -21.47 20.00
C GLY B 88 11.76 -20.52 21.21
N PHE B 89 12.94 -20.18 21.70
CA PHE B 89 13.08 -19.23 22.80
C PHE B 89 12.70 -17.75 22.40
N CYS B 90 11.81 -17.12 23.15
CA CYS B 90 11.25 -15.80 22.71
C CYS B 90 11.93 -14.70 23.47
N LEU B 91 12.30 -13.60 22.79
CA LEU B 91 12.97 -12.50 23.38
C LEU B 91 12.04 -11.49 24.02
N TRP B 92 10.76 -11.81 24.07
CA TRP B 92 9.77 -10.92 24.69
C TRP B 92 8.86 -11.80 25.55
N PRO B 93 8.19 -11.23 26.59
CA PRO B 93 7.44 -12.12 27.47
C PRO B 93 6.10 -12.51 26.85
N SER B 94 6.10 -13.37 25.83
CA SER B 94 4.87 -13.84 25.15
C SER B 94 3.93 -14.46 26.17
N ARG B 95 2.65 -14.18 25.96
CA ARG B 95 1.60 -14.84 26.73
C ARG B 95 1.30 -16.25 26.27
N LEU B 96 1.88 -16.68 25.16
CA LEU B 96 1.46 -17.95 24.60
C LEU B 96 2.42 -19.08 25.00
N THR B 97 3.51 -18.75 25.66
CA THR B 97 4.45 -19.79 26.03
C THR B 97 5.24 -19.29 27.20
N ARG B 98 5.79 -20.24 27.97
CA ARG B 98 6.81 -19.89 29.00
C ARG B 98 8.28 -20.05 28.54
N HIS B 99 8.47 -20.49 27.31
CA HIS B 99 9.82 -20.57 26.76
C HIS B 99 10.26 -19.19 26.30
N THR B 100 10.44 -18.27 27.23
CA THR B 100 10.81 -16.88 26.88
C THR B 100 11.70 -16.22 27.92
N VAL B 101 12.02 -14.94 27.71
CA VAL B 101 12.80 -14.21 28.63
C VAL B 101 12.17 -14.10 30.03
N ALA B 102 10.83 -14.19 30.15
CA ALA B 102 10.10 -14.14 31.44
C ALA B 102 10.51 -15.36 32.30
N SER B 103 10.92 -16.47 31.71
CA SER B 103 11.42 -17.55 32.53
C SER B 103 12.92 -17.51 32.82
N SER B 104 13.66 -16.47 32.44
CA SER B 104 15.08 -16.54 32.56
C SER B 104 15.46 -15.55 33.66
N PRO B 105 16.73 -15.60 34.13
CA PRO B 105 17.12 -14.67 35.19
C PRO B 105 17.40 -13.29 34.64
N TRP B 106 17.42 -13.15 33.32
CA TRP B 106 17.76 -11.85 32.73
C TRP B 106 16.80 -10.75 33.24
N ARG B 107 17.34 -9.68 33.80
CA ARG B 107 16.49 -8.64 34.48
C ARG B 107 15.46 -9.21 35.41
N GLU B 108 15.91 -10.22 36.16
CA GLU B 108 15.09 -10.97 37.10
C GLU B 108 13.72 -11.37 36.56
N GLY B 109 13.69 -11.87 35.32
CA GLY B 109 12.47 -12.37 34.77
C GLY B 109 11.56 -11.29 34.23
N LYS B 110 11.97 -10.04 34.38
CA LYS B 110 11.10 -8.90 33.97
C LYS B 110 11.54 -8.15 32.73
N GLY B 111 12.43 -8.76 31.95
CA GLY B 111 12.93 -8.10 30.76
C GLY B 111 12.02 -8.30 29.56
N ASP B 112 12.17 -7.41 28.59
CA ASP B 112 11.57 -7.60 27.27
C ASP B 112 12.61 -7.07 26.28
N LEU B 113 13.32 -7.98 25.62
CA LEU B 113 14.43 -7.49 24.77
C LEU B 113 13.87 -6.86 23.49
N VAL B 114 12.72 -7.37 23.01
CA VAL B 114 12.02 -6.77 21.83
C VAL B 114 11.71 -5.27 22.10
N ARG B 115 11.21 -4.97 23.31
CA ARG B 115 10.90 -3.59 23.70
C ARG B 115 12.21 -2.78 23.71
N GLU B 116 13.24 -3.34 24.34
CA GLU B 116 14.52 -2.62 24.40
C GLU B 116 15.08 -2.30 22.99
N VAL B 117 15.06 -3.30 22.08
CA VAL B 117 15.60 -3.05 20.75
C VAL B 117 14.74 -2.01 20.00
N SER B 118 13.42 -2.24 19.94
CA SER B 118 12.58 -1.37 19.11
C SER B 118 12.59 0.08 19.65
N GLU B 119 12.64 0.23 20.97
CA GLU B 119 12.66 1.62 21.57
C GLU B 119 13.98 2.22 21.32
N SER B 120 15.05 1.43 21.47
CA SER B 120 16.38 2.05 21.13
C SER B 120 16.48 2.37 19.59
N ALA B 121 15.99 1.46 18.75
CA ALA B 121 16.08 1.74 17.29
C ALA B 121 15.36 3.08 17.03
N ARG B 122 14.20 3.24 17.59
CA ARG B 122 13.45 4.44 17.34
C ARG B 122 14.21 5.65 17.82
N ARG B 123 14.82 5.59 18.98
CA ARG B 123 15.55 6.78 19.45
C ARG B 123 16.67 7.07 18.47
N HIS B 124 17.19 6.03 17.83
CA HIS B 124 18.37 6.26 16.98
C HIS B 124 18.05 6.55 15.55
N GLY B 125 16.79 6.84 15.22
CA GLY B 125 16.42 7.07 13.84
C GLY B 125 16.37 5.79 13.00
N LEU B 126 16.24 4.60 13.58
CA LEU B 126 16.33 3.37 12.74
C LEU B 126 14.98 2.68 12.72
N LYS B 127 14.60 2.14 11.58
CA LYS B 127 13.37 1.33 11.50
C LYS B 127 13.56 -0.02 12.17
N PHE B 128 12.46 -0.62 12.61
CA PHE B 128 12.53 -1.87 13.32
C PHE B 128 11.71 -2.97 12.63
N GLY B 129 12.25 -4.17 12.53
CA GLY B 129 11.56 -5.27 11.84
C GLY B 129 11.76 -6.51 12.64
N VAL B 130 10.95 -7.54 12.39
CA VAL B 130 10.97 -8.67 13.21
C VAL B 130 11.15 -9.95 12.43
N TYR B 131 11.89 -10.88 13.00
CA TYR B 131 12.02 -12.17 12.37
C TYR B 131 11.37 -13.11 13.38
N LEU B 132 10.45 -13.94 12.93
CA LEU B 132 9.72 -14.80 13.83
C LEU B 132 9.66 -16.17 13.13
N SER B 133 10.48 -17.12 13.61
CA SER B 133 10.73 -18.39 12.89
C SER B 133 9.51 -19.24 12.86
N PRO B 134 9.04 -19.60 11.69
CA PRO B 134 7.89 -20.52 11.69
C PRO B 134 8.31 -21.85 12.26
N TRP B 135 9.49 -22.32 11.90
CA TRP B 135 10.00 -23.57 12.53
C TRP B 135 10.19 -23.42 14.03
N ASP B 136 9.64 -24.35 14.83
CA ASP B 136 9.76 -24.21 16.29
C ASP B 136 10.10 -25.59 16.93
N ARG B 137 11.33 -25.75 17.41
CA ARG B 137 11.77 -27.03 18.01
C ARG B 137 11.34 -27.19 19.45
N THR B 138 10.86 -26.11 20.07
CA THR B 138 10.36 -26.24 21.46
C THR B 138 8.81 -26.35 21.58
N GLU B 139 8.07 -25.50 20.85
CA GLU B 139 6.60 -25.38 21.05
C GLU B 139 5.79 -26.71 20.94
N GLU B 140 4.93 -27.03 21.94
CA GLU B 140 4.38 -28.40 21.91
C GLU B 140 3.35 -28.59 20.77
N SER B 141 2.71 -27.47 20.37
CA SER B 141 1.78 -27.53 19.22
C SER B 141 2.43 -27.72 17.84
N TYR B 142 3.76 -27.62 17.76
CA TYR B 142 4.38 -27.72 16.45
C TYR B 142 4.21 -29.15 15.91
N GLY B 143 3.82 -29.29 14.65
CA GLY B 143 3.51 -30.61 14.12
C GLY B 143 2.06 -31.02 14.22
N LYS B 144 1.25 -30.31 15.00
CA LYS B 144 -0.20 -30.54 15.04
C LYS B 144 -1.11 -29.82 14.03
N GLY B 145 -0.59 -28.88 13.25
CA GLY B 145 -1.38 -28.25 12.17
C GLY B 145 -1.94 -26.90 12.59
N LYS B 146 -3.26 -26.79 12.57
CA LYS B 146 -3.90 -25.59 12.96
C LYS B 146 -3.50 -25.13 14.35
N ALA B 147 -3.32 -26.02 15.33
CA ALA B 147 -3.00 -25.54 16.67
C ALA B 147 -1.68 -24.73 16.68
N TYR B 148 -0.70 -25.14 15.90
CA TYR B 148 0.57 -24.38 15.80
C TYR B 148 0.36 -23.08 15.00
N ASP B 149 -0.43 -23.15 13.91
CA ASP B 149 -0.88 -21.84 13.28
C ASP B 149 -1.46 -20.85 14.28
N ASP B 150 -2.37 -21.33 15.12
CA ASP B 150 -2.94 -20.48 16.19
C ASP B 150 -1.91 -19.84 17.08
N PHE B 151 -0.95 -20.64 17.51
CA PHE B 151 0.18 -20.19 18.34
C PHE B 151 0.96 -19.10 17.60
N TYR B 152 1.30 -19.44 16.35
CA TYR B 152 2.22 -18.60 15.61
C TYR B 152 1.52 -17.20 15.39
N VAL B 153 0.29 -17.27 14.92
CA VAL B 153 -0.52 -16.04 14.69
C VAL B 153 -0.64 -15.28 16.00
N GLY B 154 -0.76 -16.01 17.10
CA GLY B 154 -0.84 -15.34 18.38
C GLY B 154 0.47 -14.61 18.66
N GLN B 155 1.59 -15.26 18.48
CA GLN B 155 2.83 -14.51 18.71
C GLN B 155 3.00 -13.39 17.68
N LEU B 156 2.56 -13.63 16.44
CA LEU B 156 2.72 -12.52 15.43
C LEU B 156 1.94 -11.28 15.90
N THR B 157 0.74 -11.54 16.37
CA THR B 157 -0.07 -10.49 16.97
C THR B 157 0.58 -9.66 18.06
N GLU B 158 1.22 -10.32 19.05
CA GLU B 158 2.02 -9.59 20.06
C GLU B 158 3.09 -8.72 19.46
N LEU B 159 3.87 -9.29 18.55
CA LEU B 159 4.94 -8.53 17.97
C LEU B 159 4.46 -7.39 17.11
N LEU B 160 3.31 -7.55 16.42
CA LEU B 160 2.87 -6.46 15.52
C LEU B 160 2.00 -5.39 16.15
N THR B 161 1.68 -5.52 17.43
CA THR B 161 0.80 -4.52 18.11
C THR B 161 1.42 -3.88 19.35
N GLN B 162 2.52 -4.44 19.84
CA GLN B 162 3.02 -4.00 21.12
C GLN B 162 4.26 -3.16 21.01
N TYR B 163 4.82 -3.01 19.78
CA TYR B 163 6.15 -2.45 19.64
C TYR B 163 6.31 -1.37 18.62
N GLY B 164 5.21 -0.70 18.28
CA GLY B 164 5.26 0.39 17.32
C GLY B 164 5.40 -0.16 15.90
N PRO B 165 5.72 0.71 14.98
CA PRO B 165 5.68 0.35 13.55
C PRO B 165 6.76 -0.66 13.13
N ILE B 166 6.37 -1.63 12.32
CA ILE B 166 7.29 -2.69 11.95
C ILE B 166 7.58 -2.54 10.47
N PHE B 167 8.84 -2.41 10.03
CA PHE B 167 9.09 -2.19 8.56
C PHE B 167 9.15 -3.43 7.76
N SER B 168 9.39 -4.57 8.41
CA SER B 168 9.54 -5.80 7.66
C SER B 168 9.24 -6.93 8.59
N VAL B 169 8.61 -7.96 8.04
CA VAL B 169 8.42 -9.25 8.75
C VAL B 169 9.10 -10.31 7.91
N TRP B 170 10.07 -10.97 8.52
CA TRP B 170 11.06 -11.71 7.74
C TRP B 170 10.83 -13.15 8.11
N LEU B 171 10.36 -13.91 7.15
CA LEU B 171 9.87 -15.24 7.37
C LEU B 171 10.73 -16.28 6.67
N ALA B 172 11.35 -17.14 7.45
CA ALA B 172 12.23 -18.24 6.93
C ALA B 172 11.37 -19.51 6.77
N GLY B 173 11.61 -20.35 5.77
CA GLY B 173 10.53 -21.33 5.46
C GLY B 173 10.70 -22.75 5.99
N ALA B 174 11.89 -23.07 6.51
CA ALA B 174 12.27 -24.42 6.98
C ALA B 174 11.12 -25.05 7.81
N ASN B 175 11.05 -26.38 7.76
CA ASN B 175 10.12 -27.14 8.63
C ASN B 175 10.69 -28.47 9.14
N GLY B 176 9.97 -29.17 10.04
CA GLY B 176 10.46 -30.42 10.69
C GLY B 176 9.25 -31.18 11.19
N GLU B 177 9.39 -32.45 11.54
CA GLU B 177 8.30 -33.14 12.22
C GLU B 177 8.24 -32.64 13.71
N GLY B 178 7.09 -32.62 14.36
CA GLY B 178 7.07 -32.23 15.79
C GLY B 178 7.37 -33.43 16.70
N LYS B 179 7.16 -33.27 18.00
CA LYS B 179 7.35 -34.39 18.93
C LYS B 179 6.32 -35.56 18.76
N ASN B 180 5.43 -35.42 17.76
CA ASN B 180 4.41 -36.40 17.37
C ASN B 180 4.71 -37.12 16.04
N GLY B 181 5.90 -36.90 15.50
CA GLY B 181 6.31 -37.48 14.21
C GLY B 181 5.79 -36.77 12.96
N LYS B 182 4.79 -35.89 13.10
CA LYS B 182 4.16 -35.23 11.92
C LYS B 182 4.81 -33.89 11.56
N THR B 183 4.95 -33.66 10.26
CA THR B 183 5.46 -32.40 9.69
C THR B 183 4.46 -31.26 9.89
N GLN B 184 4.93 -30.11 10.33
CA GLN B 184 4.12 -28.91 10.27
C GLN B 184 4.16 -28.30 8.89
N TYR B 185 3.00 -27.98 8.33
CA TYR B 185 2.94 -27.03 7.20
C TYR B 185 2.39 -25.75 7.80
N TYR B 186 2.59 -24.63 7.11
CA TYR B 186 2.18 -23.34 7.63
C TYR B 186 1.00 -22.74 6.88
N ASP B 187 0.04 -22.23 7.59
CA ASP B 187 -0.99 -21.52 6.89
C ASP B 187 -0.47 -20.10 6.48
N TRP B 188 0.36 -20.06 5.43
CA TRP B 188 0.96 -18.80 4.95
C TRP B 188 -0.01 -17.67 4.72
N ASP B 189 -1.05 -17.98 3.95
CA ASP B 189 -2.07 -17.01 3.61
C ASP B 189 -2.72 -16.42 4.87
N ARG B 190 -2.92 -17.25 5.89
CA ARG B 190 -3.48 -16.76 7.14
C ARG B 190 -2.45 -15.81 7.80
N TYR B 191 -1.16 -16.18 7.76
CA TYR B 191 -0.14 -15.29 8.35
C TYR B 191 -0.09 -13.95 7.64
N TYR B 192 -0.20 -13.96 6.30
CA TYR B 192 -0.15 -12.74 5.53
C TYR B 192 -1.30 -11.80 5.90
N ASN B 193 -2.50 -12.37 6.03
CA ASN B 193 -3.64 -11.59 6.50
C ASN B 193 -3.43 -10.87 7.84
N VAL B 194 -2.80 -11.58 8.76
CA VAL B 194 -2.41 -10.95 10.03
C VAL B 194 -1.48 -9.77 9.84
N ILE B 195 -0.42 -9.99 9.05
CA ILE B 195 0.59 -8.98 8.89
C ILE B 195 -0.03 -7.80 8.12
N ARG B 196 -0.82 -8.09 7.09
CA ARG B 196 -1.39 -7.02 6.23
C ARG B 196 -2.35 -6.21 7.11
N SER B 197 -3.06 -6.88 8.03
CA SER B 197 -4.08 -6.19 8.87
C SER B 197 -3.50 -5.32 9.97
N LEU B 198 -2.42 -5.80 10.59
CA LEU B 198 -1.85 -5.11 11.74
C LEU B 198 -0.75 -4.14 11.39
N GLN B 199 0.03 -4.49 10.37
CA GLN B 199 1.17 -3.67 9.93
C GLN B 199 1.10 -3.55 8.36
N PRO B 200 0.11 -2.75 7.85
CA PRO B 200 -0.15 -2.66 6.38
C PRO B 200 1.11 -2.21 5.60
N ASP B 201 1.96 -1.44 6.26
CA ASP B 201 3.18 -0.88 5.65
C ASP B 201 4.38 -1.83 5.65
N ALA B 202 4.35 -2.84 6.50
CA ALA B 202 5.47 -3.81 6.54
C ALA B 202 5.60 -4.61 5.27
N VAL B 203 6.83 -4.95 4.90
CA VAL B 203 7.07 -5.90 3.82
C VAL B 203 7.18 -7.31 4.38
N ILE B 204 6.50 -8.26 3.78
CA ILE B 204 6.63 -9.62 4.20
C ILE B 204 7.71 -10.23 3.34
N SER B 205 8.76 -10.71 3.96
CA SER B 205 10.01 -10.96 3.22
C SER B 205 10.40 -12.42 3.17
N VAL B 206 10.95 -12.82 2.03
CA VAL B 206 11.49 -14.20 1.77
C VAL B 206 10.35 -15.17 1.58
N CYS B 207 9.84 -15.75 2.66
CA CYS B 207 8.61 -16.50 2.50
C CYS B 207 7.39 -15.56 2.51
N GLY B 208 7.41 -14.63 1.57
CA GLY B 208 6.34 -13.66 1.49
C GLY B 208 6.41 -12.92 0.18
N PRO B 209 5.33 -12.23 -0.15
CA PRO B 209 5.17 -11.68 -1.51
C PRO B 209 5.95 -10.36 -1.77
N ASP B 210 6.43 -9.68 -0.71
CA ASP B 210 6.88 -8.33 -1.01
C ASP B 210 8.35 -8.21 -1.30
N VAL B 211 9.16 -9.07 -0.67
CA VAL B 211 10.64 -8.98 -0.76
C VAL B 211 11.23 -10.40 -0.98
N ARG B 212 12.09 -10.52 -2.01
CA ARG B 212 12.60 -11.80 -2.50
C ARG B 212 14.00 -12.06 -2.00
N TRP B 213 14.20 -13.19 -1.32
CA TRP B 213 15.56 -13.68 -1.07
C TRP B 213 16.41 -13.69 -2.33
N ALA B 214 17.55 -13.00 -2.36
CA ALA B 214 18.32 -12.98 -3.59
C ALA B 214 18.79 -14.37 -4.09
N GLY B 215 18.79 -15.39 -3.22
CA GLY B 215 19.09 -16.77 -3.69
C GLY B 215 20.49 -17.28 -3.33
N ASN B 216 21.26 -16.49 -2.57
CA ASN B 216 22.50 -16.98 -1.89
C ASN B 216 22.68 -16.15 -0.60
N ALA B 217 23.43 -16.70 0.36
CA ALA B 217 23.71 -16.03 1.63
C ALA B 217 25.19 -15.66 1.75
N ALA B 218 25.85 -15.65 0.60
CA ALA B 218 27.28 -15.32 0.48
C ALA B 218 27.54 -13.84 0.07
N GLY B 219 26.49 -13.01 -0.16
CA GLY B 219 26.72 -11.65 -0.72
C GLY B 219 26.93 -11.56 -2.24
N HIS B 220 26.74 -12.66 -2.96
CA HIS B 220 26.92 -12.63 -4.39
C HIS B 220 25.78 -11.81 -5.01
N VAL B 221 26.09 -11.01 -6.04
CA VAL B 221 25.10 -10.15 -6.72
C VAL B 221 25.05 -10.53 -8.21
N ARG B 222 23.86 -10.78 -8.76
CA ARG B 222 23.69 -11.00 -10.19
C ARG B 222 24.25 -9.90 -11.02
N ASP B 223 24.72 -10.26 -12.22
CA ASP B 223 25.11 -9.21 -13.17
C ASP B 223 23.89 -8.33 -13.56
N ASN B 224 22.74 -8.96 -13.75
CA ASN B 224 21.48 -8.32 -14.04
C ASN B 224 20.43 -8.76 -13.05
N GLU B 225 19.89 -7.78 -12.37
CA GLU B 225 18.87 -8.11 -11.40
C GLU B 225 17.58 -7.43 -11.84
N TRP B 226 16.55 -8.23 -12.11
CA TRP B 226 15.21 -7.75 -12.48
C TRP B 226 14.34 -7.74 -11.30
N SER B 227 13.66 -6.60 -11.02
CA SER B 227 12.60 -6.70 -9.93
C SER B 227 11.27 -7.15 -10.47
N VAL B 228 11.14 -7.21 -11.79
CA VAL B 228 9.94 -7.75 -12.43
C VAL B 228 10.28 -9.24 -12.76
N VAL B 229 9.54 -10.18 -12.20
CA VAL B 229 9.90 -11.62 -12.25
C VAL B 229 8.62 -12.44 -12.16
N PRO B 230 8.70 -13.75 -12.54
CA PRO B 230 7.52 -14.62 -12.51
C PRO B 230 6.93 -14.65 -11.12
N ARG B 231 5.62 -14.61 -11.04
CA ARG B 231 4.89 -14.49 -9.79
C ARG B 231 5.10 -15.75 -8.94
N ARG B 232 5.43 -16.86 -9.58
CA ARG B 232 5.65 -18.11 -8.87
C ARG B 232 6.89 -18.01 -7.93
N LEU B 233 7.82 -17.05 -8.16
CA LEU B 233 8.94 -16.85 -7.24
C LEU B 233 8.51 -16.55 -5.82
N ARG B 234 7.33 -15.97 -5.68
CA ARG B 234 6.73 -15.67 -4.35
C ARG B 234 6.49 -16.90 -3.55
N SER B 235 6.40 -18.04 -4.22
CA SER B 235 6.26 -19.31 -3.49
C SER B 235 7.48 -20.13 -3.40
N ALA B 236 8.59 -19.72 -4.02
CA ALA B 236 9.81 -20.57 -4.11
C ALA B 236 10.35 -21.02 -2.73
N GLU B 237 10.33 -20.16 -1.71
CA GLU B 237 10.86 -20.59 -0.39
C GLU B 237 9.84 -21.25 0.57
N LEU B 238 8.60 -21.37 0.12
CA LEU B 238 7.50 -21.96 0.89
C LEU B 238 7.64 -23.47 0.69
N THR B 253 11.90 -27.86 -16.00
CA THR B 253 12.53 -27.34 -14.78
C THR B 253 11.73 -26.16 -14.22
N THR B 254 11.51 -26.21 -12.93
CA THR B 254 10.86 -25.15 -12.18
C THR B 254 11.87 -24.03 -11.92
N VAL B 255 11.37 -22.81 -11.77
CA VAL B 255 12.18 -21.66 -11.42
C VAL B 255 12.62 -21.79 -9.95
N SER B 256 13.85 -21.38 -9.63
CA SER B 256 14.34 -21.26 -8.25
C SER B 256 14.82 -19.85 -7.93
N SER B 257 14.80 -19.50 -6.65
CA SER B 257 15.32 -18.19 -6.18
C SER B 257 16.79 -18.07 -6.53
N GLN B 258 17.50 -19.21 -6.62
CA GLN B 258 18.89 -19.31 -6.97
C GLN B 258 19.23 -19.15 -8.40
N ASP B 259 18.31 -19.27 -9.33
CA ASP B 259 18.68 -19.19 -10.76
C ASP B 259 19.28 -17.83 -11.12
N ASP B 260 20.32 -17.81 -11.96
CA ASP B 260 20.91 -16.56 -12.38
C ASP B 260 19.96 -15.67 -13.18
N ASP B 261 19.17 -16.24 -14.09
CA ASP B 261 18.30 -15.46 -14.93
C ASP B 261 16.83 -15.66 -14.53
N LEU B 262 16.26 -14.64 -13.95
CA LEU B 262 14.87 -14.78 -13.50
C LEU B 262 13.99 -13.90 -14.36
N GLY B 263 14.53 -12.75 -14.82
CA GLY B 263 13.64 -11.76 -15.42
C GLY B 263 13.93 -11.25 -16.84
N SER B 264 14.85 -11.89 -17.57
CA SER B 264 15.18 -11.36 -18.93
C SER B 264 13.94 -11.68 -19.77
N ARG B 265 13.84 -11.07 -20.96
CA ARG B 265 12.74 -11.31 -21.86
C ARG B 265 12.52 -12.85 -22.13
N GLU B 266 13.61 -13.59 -22.29
CA GLU B 266 13.56 -15.05 -22.52
C GLU B 266 12.95 -15.76 -21.30
N ALA B 267 13.40 -15.38 -20.12
CA ALA B 267 12.95 -16.05 -18.92
C ALA B 267 11.49 -15.77 -18.60
N VAL B 268 10.99 -14.57 -18.95
CA VAL B 268 9.59 -14.25 -18.58
C VAL B 268 8.56 -14.45 -19.69
N ALA B 269 9.02 -14.61 -20.93
CA ALA B 269 8.13 -14.57 -22.10
C ALA B 269 6.92 -15.43 -21.95
N GLY B 270 7.13 -16.74 -21.66
CA GLY B 270 6.08 -17.70 -21.41
C GLY B 270 5.08 -17.33 -20.31
N TYR B 271 5.45 -16.45 -19.37
CA TYR B 271 4.53 -16.17 -18.25
C TYR B 271 3.44 -15.11 -18.56
N GLY B 272 3.55 -14.37 -19.66
CA GLY B 272 2.57 -13.30 -19.93
C GLY B 272 2.46 -12.35 -18.69
N ASP B 273 1.25 -12.19 -18.18
CA ASP B 273 0.92 -11.32 -17.06
C ASP B 273 1.08 -11.95 -15.71
N ASN B 274 1.43 -13.23 -15.66
CA ASN B 274 1.65 -13.91 -14.37
C ASN B 274 3.06 -13.58 -13.86
N VAL B 275 3.41 -12.29 -13.83
CA VAL B 275 4.66 -11.84 -13.30
C VAL B 275 4.34 -10.61 -12.37
N CYS B 276 5.32 -10.19 -11.57
CA CYS B 276 5.00 -9.23 -10.51
C CYS B 276 6.27 -8.49 -10.13
N TRP B 277 6.08 -7.53 -9.20
CA TRP B 277 7.20 -6.73 -8.67
C TRP B 277 7.66 -7.51 -7.42
N TYR B 278 8.89 -8.03 -7.42
CA TYR B 278 9.39 -8.88 -6.33
C TYR B 278 10.89 -8.69 -6.25
N PRO B 279 11.34 -7.56 -5.62
CA PRO B 279 12.72 -7.17 -5.74
C PRO B 279 13.60 -7.96 -4.75
N ALA B 280 14.88 -8.06 -5.11
CA ALA B 280 15.92 -8.86 -4.38
C ALA B 280 16.46 -8.20 -3.13
N GLU B 281 16.65 -9.03 -2.14
CA GLU B 281 17.37 -8.73 -0.91
C GLU B 281 18.51 -9.71 -0.78
N VAL B 282 19.72 -9.15 -0.79
CA VAL B 282 20.96 -9.91 -0.61
C VAL B 282 21.23 -9.92 0.90
N ASP B 283 21.14 -11.09 1.57
CA ASP B 283 21.48 -11.18 3.02
C ASP B 283 22.83 -11.88 3.26
N THR B 284 23.56 -11.43 4.26
CA THR B 284 24.80 -12.17 4.55
C THR B 284 25.25 -11.74 5.92
N SER B 285 26.19 -12.49 6.49
CA SER B 285 26.64 -12.18 7.86
C SER B 285 27.99 -11.59 7.82
N ILE B 286 28.26 -10.66 8.74
CA ILE B 286 29.59 -10.04 8.84
C ILE B 286 30.63 -11.10 9.35
N ARG B 287 30.13 -12.26 9.81
CA ARG B 287 30.97 -13.40 10.25
C ARG B 287 30.58 -14.67 9.47
N PRO B 288 31.40 -15.74 9.60
CA PRO B 288 31.03 -16.97 8.95
C PRO B 288 29.69 -17.52 9.50
N GLY B 289 29.40 -17.32 10.76
CA GLY B 289 28.12 -17.86 11.29
C GLY B 289 27.14 -16.67 11.48
N TRP B 290 25.87 -16.97 11.77
CA TRP B 290 24.84 -15.94 11.87
C TRP B 290 24.80 -15.50 13.31
N PHE B 291 24.92 -16.46 14.23
CA PHE B 291 25.01 -16.11 15.66
C PHE B 291 26.48 -15.81 16.03
N TYR B 292 26.69 -15.10 17.15
CA TYR B 292 28.01 -14.77 17.64
C TYR B 292 28.74 -16.02 18.15
N HIS B 293 30.00 -16.15 17.74
CA HIS B 293 30.92 -17.17 18.35
C HIS B 293 32.18 -16.50 18.57
N GLN B 294 32.72 -16.65 19.78
CA GLN B 294 33.97 -15.96 20.16
C GLN B 294 35.11 -16.39 19.22
N SER B 295 35.04 -17.63 18.73
CA SER B 295 36.13 -18.10 17.89
C SER B 295 36.09 -17.32 16.58
N GLU B 296 34.95 -16.71 16.25
CA GLU B 296 34.90 -15.99 15.00
C GLU B 296 35.23 -14.51 15.15
N ASP B 297 35.63 -14.07 16.33
CA ASP B 297 36.01 -12.63 16.47
C ASP B 297 37.13 -12.17 15.56
N ASP B 298 37.99 -13.09 15.09
CA ASP B 298 39.12 -12.73 14.21
C ASP B 298 38.77 -13.01 12.74
N LYS B 299 37.52 -13.38 12.48
CA LYS B 299 36.95 -13.61 11.16
C LYS B 299 35.87 -12.59 10.75
N VAL B 300 35.90 -11.38 11.31
CA VAL B 300 34.87 -10.36 11.00
C VAL B 300 35.27 -9.67 9.70
N MET B 301 34.35 -9.49 8.76
CA MET B 301 34.68 -8.87 7.46
C MET B 301 35.15 -7.44 7.73
N SER B 302 36.05 -6.96 6.92
CA SER B 302 36.63 -5.64 7.16
C SER B 302 35.78 -4.54 6.50
N ALA B 303 35.93 -3.28 6.92
CA ALA B 303 35.35 -2.17 6.19
C ALA B 303 35.45 -2.29 4.65
N ASP B 304 36.61 -2.65 4.10
CA ASP B 304 36.72 -2.68 2.67
C ASP B 304 35.94 -3.77 2.05
N GLN B 305 35.90 -4.95 2.69
CA GLN B 305 35.11 -5.99 2.12
C GLN B 305 33.60 -5.58 2.12
N LEU B 306 33.21 -4.94 3.20
CA LEU B 306 31.80 -4.58 3.43
C LEU B 306 31.44 -3.47 2.45
N PHE B 307 32.35 -2.54 2.23
CA PHE B 307 32.09 -1.52 1.22
C PHE B 307 32.03 -2.07 -0.21
N ASP B 308 32.82 -3.14 -0.52
CA ASP B 308 32.67 -3.73 -1.87
C ASP B 308 31.39 -4.47 -1.99
N LEU B 309 30.97 -5.07 -0.88
CA LEU B 309 29.65 -5.69 -0.84
C LEU B 309 28.52 -4.58 -1.06
N TRP B 310 28.60 -3.47 -0.32
CA TRP B 310 27.63 -2.36 -0.50
C TRP B 310 27.65 -1.91 -1.96
N LEU B 311 28.82 -1.69 -2.54
CA LEU B 311 28.88 -1.16 -3.93
C LEU B 311 28.25 -2.10 -4.91
N SER B 312 28.56 -3.36 -4.69
CA SER B 312 28.01 -4.41 -5.49
C SER B 312 26.43 -4.55 -5.40
N ALA B 313 25.88 -4.56 -4.17
CA ALA B 313 24.45 -4.85 -4.03
C ALA B 313 23.69 -3.58 -4.34
N VAL B 314 24.02 -2.52 -3.59
CA VAL B 314 23.26 -1.28 -3.66
C VAL B 314 23.56 -0.61 -4.99
N GLY B 315 24.68 -0.96 -5.64
CA GLY B 315 24.91 -0.56 -7.07
C GLY B 315 24.44 -1.58 -8.09
N GLY B 316 23.61 -2.53 -7.65
CA GLY B 316 23.16 -3.64 -8.51
C GLY B 316 21.68 -3.99 -8.30
N ASN B 317 20.88 -2.96 -8.00
CA ASN B 317 19.45 -3.16 -7.80
C ASN B 317 19.11 -4.28 -6.74
N SER B 318 19.86 -4.34 -5.66
CA SER B 318 19.62 -5.33 -4.62
C SER B 318 19.69 -4.61 -3.30
N SER B 319 18.81 -4.97 -2.38
CA SER B 319 18.93 -4.46 -1.02
C SER B 319 19.96 -5.34 -0.28
N LEU B 320 20.61 -4.76 0.70
CA LEU B 320 21.60 -5.43 1.49
C LEU B 320 21.16 -5.56 2.97
N LEU B 321 21.09 -6.81 3.42
CA LEU B 321 20.72 -7.08 4.73
C LEU B 321 21.93 -7.73 5.36
N LEU B 322 22.55 -7.00 6.28
CA LEU B 322 23.81 -7.40 6.89
C LEU B 322 23.64 -7.80 8.35
N ASN B 323 23.99 -9.05 8.68
CA ASN B 323 23.82 -9.52 10.02
C ASN B 323 25.07 -9.27 10.83
N ILE B 324 24.87 -8.73 12.02
CA ILE B 324 25.93 -8.45 13.00
C ILE B 324 25.46 -8.99 14.35
N PRO B 325 26.10 -10.08 14.86
CA PRO B 325 25.41 -10.67 15.99
C PRO B 325 25.98 -10.17 17.29
N PRO B 326 25.14 -9.73 18.24
CA PRO B 326 25.62 -9.40 19.58
C PRO B 326 26.23 -10.57 20.33
N SER B 327 27.17 -10.26 21.20
CA SER B 327 27.84 -11.28 22.03
C SER B 327 26.99 -11.81 23.25
N PRO B 328 27.39 -12.98 23.81
CA PRO B 328 26.66 -13.58 24.95
C PRO B 328 26.61 -12.62 26.18
N GLU B 329 27.53 -11.67 26.28
CA GLU B 329 27.47 -10.64 27.32
C GLU B 329 26.51 -9.47 26.93
N GLY B 330 26.21 -9.38 25.63
CA GLY B 330 25.15 -8.52 25.13
C GLY B 330 25.63 -7.24 24.42
N LEU B 331 26.74 -7.30 23.71
CA LEU B 331 27.28 -6.10 23.07
C LEU B 331 27.69 -6.61 21.74
N LEU B 332 27.69 -5.69 20.80
CA LEU B 332 28.37 -5.89 19.53
C LEU B 332 29.87 -5.85 19.81
N ALA B 333 30.64 -6.79 19.26
CA ALA B 333 32.06 -6.88 19.60
C ALA B 333 32.82 -5.75 18.92
N GLU B 334 34.00 -5.41 19.46
CA GLU B 334 34.88 -4.36 18.90
C GLU B 334 35.24 -4.50 17.43
N PRO B 335 35.66 -5.71 17.00
CA PRO B 335 35.99 -5.82 15.57
C PRO B 335 34.78 -5.49 14.69
N ASP B 336 33.60 -5.97 15.10
CA ASP B 336 32.32 -5.74 14.35
C ASP B 336 32.05 -4.22 14.30
N VAL B 337 32.23 -3.56 15.45
CA VAL B 337 31.98 -2.08 15.57
C VAL B 337 32.93 -1.30 14.66
N GLN B 338 34.18 -1.78 14.63
CA GLN B 338 35.19 -1.16 13.85
C GLN B 338 34.90 -1.31 12.35
N SER B 339 34.62 -2.53 11.90
CA SER B 339 34.28 -2.73 10.50
C SER B 339 33.02 -1.90 10.13
N LEU B 340 32.02 -1.87 11.01
CA LEU B 340 30.79 -1.03 10.79
C LEU B 340 31.20 0.44 10.64
N LYS B 341 32.02 0.92 11.56
CA LYS B 341 32.49 2.30 11.47
C LYS B 341 33.11 2.64 10.17
N GLY B 342 33.93 1.75 9.65
CA GLY B 342 34.67 2.03 8.42
C GLY B 342 33.73 1.93 7.20
N LEU B 343 32.82 0.95 7.27
CA LEU B 343 31.79 0.80 6.22
C LEU B 343 31.03 2.15 6.10
N GLY B 344 30.54 2.66 7.23
CA GLY B 344 29.70 3.86 7.23
C GLY B 344 30.46 5.06 6.72
N ARG B 345 31.77 5.08 6.98
CA ARG B 345 32.60 6.16 6.48
C ARG B 345 32.76 6.11 4.95
N ARG B 346 33.01 4.92 4.41
CA ARG B 346 33.12 4.82 2.97
C ARG B 346 31.79 5.16 2.29
N VAL B 347 30.68 4.69 2.86
CA VAL B 347 29.41 4.96 2.23
C VAL B 347 29.15 6.50 2.21
N SER B 348 29.48 7.17 3.30
CA SER B 348 29.26 8.57 3.44
C SER B 348 30.19 9.33 2.51
N GLU B 349 31.42 8.86 2.31
CA GLU B 349 32.24 9.45 1.27
C GLU B 349 31.64 9.22 -0.14
N PHE B 350 31.23 7.99 -0.43
CA PHE B 350 30.50 7.77 -1.65
C PHE B 350 29.37 8.83 -1.83
N ARG B 351 28.52 9.02 -0.84
CA ARG B 351 27.33 9.91 -1.00
C ARG B 351 27.74 11.37 -1.20
N GLU B 352 28.85 11.77 -0.60
CA GLU B 352 29.53 13.02 -0.91
C GLU B 352 29.98 13.18 -2.37
N ALA B 353 30.59 12.13 -2.91
CA ALA B 353 31.10 12.21 -4.28
C ALA B 353 29.84 12.26 -5.15
N LEU B 354 28.74 11.69 -4.66
CA LEU B 354 27.57 11.56 -5.49
C LEU B 354 26.88 12.93 -5.56
N ALA B 355 27.01 13.70 -4.47
CA ALA B 355 26.17 14.88 -4.36
C ALA B 355 26.98 16.13 -4.54
N SER B 356 28.28 16.00 -4.69
CA SER B 356 29.11 17.17 -4.82
C SER B 356 29.62 17.37 -6.25
N VAL B 357 29.36 16.42 -7.15
CA VAL B 357 29.79 16.63 -8.55
C VAL B 357 28.80 17.61 -9.15
N ARG B 358 29.29 18.62 -9.85
CA ARG B 358 28.41 19.64 -10.40
C ARG B 358 28.43 19.50 -11.93
N CYS B 359 27.61 18.60 -12.49
CA CYS B 359 27.66 18.32 -13.93
C CYS B 359 26.51 19.03 -14.60
N GLU B 360 26.70 19.50 -15.81
CA GLU B 360 25.58 19.96 -16.61
C GLU B 360 25.01 18.78 -17.38
N ALA B 361 23.70 18.65 -17.37
CA ALA B 361 23.13 17.51 -18.07
C ALA B 361 22.44 17.98 -19.36
N ARG B 362 22.72 17.30 -20.46
CA ARG B 362 22.05 17.53 -21.70
C ARG B 362 21.52 16.19 -22.20
N THR B 363 20.38 16.24 -22.89
CA THR B 363 19.70 15.03 -23.24
C THR B 363 19.51 15.03 -24.72
N SER B 364 19.37 13.83 -25.31
CA SER B 364 19.07 13.69 -26.72
C SER B 364 17.65 14.13 -27.10
N SER B 365 16.70 14.07 -26.18
CA SER B 365 15.41 14.65 -26.43
C SER B 365 14.85 15.08 -25.12
N ALA B 366 13.76 15.80 -25.16
CA ALA B 366 13.10 16.28 -23.95
C ALA B 366 14.04 17.04 -23.00
N SER B 367 14.65 18.10 -23.53
CA SER B 367 15.55 18.90 -22.73
C SER B 367 14.92 19.57 -21.53
N ALA B 368 13.68 19.99 -21.64
CA ALA B 368 12.96 20.59 -20.51
C ALA B 368 13.08 19.73 -19.23
N ALA B 369 13.20 18.39 -19.36
CA ALA B 369 13.30 17.52 -18.17
C ALA B 369 14.73 17.16 -17.67
N ALA B 370 15.74 17.64 -18.40
CA ALA B 370 17.17 17.35 -18.12
C ALA B 370 17.55 17.61 -16.66
N ALA B 371 17.11 18.77 -16.15
CA ALA B 371 17.39 19.16 -14.73
C ALA B 371 16.91 18.11 -13.73
N HIS B 372 15.97 17.24 -14.12
CA HIS B 372 15.54 16.14 -13.22
C HIS B 372 16.57 15.08 -12.99
N LEU B 373 17.63 15.11 -13.79
CA LEU B 373 18.71 14.10 -13.71
C LEU B 373 19.67 14.44 -12.57
N VAL B 374 19.67 15.73 -12.18
CA VAL B 374 20.76 16.34 -11.41
C VAL B 374 20.25 17.11 -10.20
N ASP B 375 18.94 17.04 -9.88
CA ASP B 375 18.34 17.83 -8.82
C ASP B 375 18.37 17.05 -7.49
N GLY B 376 18.75 15.76 -7.58
CA GLY B 376 18.91 14.98 -6.36
C GLY B 376 17.57 14.56 -5.81
N ASN B 377 16.53 14.59 -6.66
CA ASN B 377 15.15 14.32 -6.22
C ASN B 377 14.73 12.98 -6.90
N ARG B 378 14.42 11.98 -6.10
CA ARG B 378 14.06 10.65 -6.63
C ARG B 378 12.67 10.68 -7.28
N ASP B 379 11.90 11.74 -7.04
CA ASP B 379 10.57 11.82 -7.61
C ASP B 379 10.51 12.65 -8.89
N THR B 380 11.62 13.12 -9.43
CA THR B 380 11.54 13.67 -10.78
C THR B 380 12.46 12.88 -11.69
N PHE B 381 12.14 12.79 -12.98
CA PHE B 381 12.94 11.95 -13.87
C PHE B 381 12.90 12.52 -15.25
N TRP B 382 13.80 12.03 -16.11
CA TRP B 382 13.80 12.36 -17.50
C TRP B 382 13.37 11.14 -18.24
N ARG B 383 12.61 11.35 -19.32
CA ARG B 383 12.21 10.25 -20.21
C ARG B 383 12.35 10.81 -21.62
N PRO B 384 13.02 10.08 -22.51
CA PRO B 384 13.17 10.61 -23.90
C PRO B 384 11.85 10.57 -24.70
N ASP B 385 11.71 11.43 -25.72
CA ASP B 385 10.53 11.41 -26.62
C ASP B 385 10.26 10.07 -27.17
N ALA B 386 8.98 9.81 -27.44
CA ALA B 386 8.53 8.52 -28.02
C ALA B 386 9.33 8.15 -29.29
N ASP B 387 9.64 9.12 -30.16
CA ASP B 387 10.47 8.79 -31.33
C ASP B 387 11.95 9.19 -31.28
N ASP B 388 12.52 9.31 -30.07
CA ASP B 388 13.97 9.44 -29.92
C ASP B 388 14.55 8.03 -30.09
N ALA B 389 15.27 7.80 -31.18
CA ALA B 389 15.78 6.47 -31.49
C ALA B 389 17.12 6.12 -30.78
N ALA B 390 17.71 7.10 -30.11
CA ALA B 390 19.00 6.84 -29.43
C ALA B 390 19.02 7.61 -28.13
N PRO B 391 18.21 7.20 -27.13
CA PRO B 391 18.14 7.99 -25.87
C PRO B 391 19.53 8.09 -25.24
N ALA B 392 19.92 9.31 -24.93
CA ALA B 392 21.25 9.50 -24.40
C ALA B 392 21.28 10.73 -23.50
N ILE B 393 22.15 10.64 -22.50
CA ILE B 393 22.42 11.71 -21.56
C ILE B 393 23.91 11.99 -21.63
N THR B 394 24.27 13.27 -21.78
CA THR B 394 25.67 13.70 -21.71
C THR B 394 25.77 14.56 -20.47
N LEU B 395 26.74 14.22 -19.62
CA LEU B 395 27.04 14.95 -18.39
C LEU B 395 28.36 15.66 -18.55
N THR B 396 28.37 16.98 -18.40
CA THR B 396 29.59 17.78 -18.69
C THR B 396 30.14 18.24 -17.41
N LEU B 397 31.40 17.94 -17.17
CA LEU B 397 32.03 18.32 -15.92
C LEU B 397 32.37 19.81 -15.95
N PRO B 398 32.52 20.43 -14.78
CA PRO B 398 32.96 21.83 -14.75
C PRO B 398 34.44 22.02 -15.17
N GLN B 399 35.28 20.99 -15.01
CA GLN B 399 36.73 20.96 -15.34
C GLN B 399 37.04 19.53 -15.79
N PRO B 400 38.07 19.29 -16.66
CA PRO B 400 38.58 17.91 -16.80
C PRO B 400 38.73 17.31 -15.41
N THR B 401 38.24 16.07 -15.23
CA THR B 401 38.26 15.43 -13.93
C THR B 401 38.48 13.96 -14.08
N THR B 402 39.21 13.36 -13.16
CA THR B 402 39.30 11.88 -13.17
C THR B 402 38.05 11.25 -12.53
N ILE B 403 37.45 10.33 -13.24
CA ILE B 403 36.28 9.65 -12.71
C ILE B 403 36.53 8.15 -12.87
N ASN B 404 35.79 7.30 -12.15
CA ASN B 404 35.93 5.83 -12.27
C ASN B 404 34.63 5.06 -12.04
N ALA B 405 33.51 5.78 -12.01
CA ALA B 405 32.20 5.20 -11.99
C ALA B 405 31.14 6.17 -12.53
N ILE B 406 30.09 5.58 -13.10
CA ILE B 406 28.84 6.29 -13.24
C ILE B 406 27.79 5.64 -12.35
N VAL B 407 26.86 6.48 -11.93
CA VAL B 407 25.71 6.06 -11.14
C VAL B 407 24.46 6.51 -11.85
N ILE B 408 23.53 5.60 -11.98
CA ILE B 408 22.30 5.91 -12.68
C ILE B 408 21.15 5.25 -11.95
N GLU B 409 20.03 5.95 -11.90
CA GLU B 409 18.89 5.42 -11.15
C GLU B 409 17.62 5.56 -11.96
N GLU B 410 16.80 4.49 -12.03
CA GLU B 410 15.56 4.59 -12.80
C GLU B 410 14.52 5.04 -11.81
N ALA B 411 13.47 5.74 -12.31
CA ALA B 411 12.24 6.17 -11.56
C ALA B 411 11.42 4.89 -11.36
N ILE B 412 11.80 4.05 -10.37
CA ILE B 412 11.23 2.69 -10.31
C ILE B 412 9.79 2.66 -9.90
N GLU B 413 9.34 3.77 -9.29
CA GLU B 413 7.89 3.96 -9.12
C GLU B 413 7.09 3.63 -10.37
N HIS B 414 7.68 3.90 -11.53
CA HIS B 414 7.05 3.65 -12.81
C HIS B 414 7.46 2.36 -13.46
N GLY B 415 8.19 1.50 -12.75
CA GLY B 415 8.67 0.28 -13.40
C GLY B 415 10.20 0.17 -13.65
N GLN B 416 10.60 -0.98 -14.21
CA GLN B 416 12.02 -1.25 -14.47
C GLN B 416 12.12 -1.57 -15.96
N ARG B 417 12.85 -0.74 -16.69
CA ARG B 417 12.83 -0.85 -18.14
C ARG B 417 14.19 -1.02 -18.81
N ILE B 418 15.24 -0.43 -18.23
CA ILE B 418 16.54 -0.49 -18.91
C ILE B 418 17.11 -1.95 -19.04
N GLU B 419 17.54 -2.25 -20.26
CA GLU B 419 18.07 -3.53 -20.63
C GLU B 419 19.53 -3.41 -20.98
N HIS B 420 19.93 -2.28 -21.56
CA HIS B 420 21.34 -2.10 -21.81
C HIS B 420 21.72 -0.64 -21.81
N LEU B 421 22.89 -0.39 -21.25
CA LEU B 421 23.45 0.95 -21.15
C LEU B 421 24.89 0.87 -21.62
N ARG B 422 25.31 1.84 -22.42
CA ARG B 422 26.71 1.93 -22.86
C ARG B 422 27.12 3.35 -22.50
N VAL B 423 28.30 3.49 -21.90
CA VAL B 423 28.80 4.76 -21.42
C VAL B 423 30.11 5.09 -22.12
N THR B 424 30.18 6.25 -22.76
CA THR B 424 31.41 6.71 -23.34
C THR B 424 31.91 7.99 -22.60
N GLY B 425 33.20 8.27 -22.70
CA GLY B 425 33.83 9.45 -22.13
C GLY B 425 34.51 10.30 -23.20
N ALA B 426 34.34 11.63 -23.10
CA ALA B 426 35.04 12.60 -23.94
C ALA B 426 36.24 13.14 -23.19
N LEU B 427 37.44 12.77 -23.63
CA LEU B 427 38.71 13.21 -23.03
C LEU B 427 39.05 14.65 -23.47
N PRO B 428 39.88 15.38 -22.68
CA PRO B 428 40.22 16.80 -23.05
C PRO B 428 40.87 16.98 -24.43
N ASP B 429 41.68 16.02 -24.84
CA ASP B 429 42.28 16.09 -26.17
C ASP B 429 41.23 15.80 -27.26
N GLY B 430 39.95 15.95 -26.96
CA GLY B 430 38.91 15.65 -27.93
C GLY B 430 38.79 14.19 -28.46
N THR B 431 39.51 13.21 -27.93
CA THR B 431 39.23 11.81 -28.36
C THR B 431 38.08 11.18 -27.49
N GLU B 432 37.67 9.96 -27.80
CA GLU B 432 36.59 9.32 -27.08
C GLU B 432 36.97 7.92 -26.58
N ARG B 433 36.60 7.55 -25.36
CA ARG B 433 36.83 6.20 -24.84
C ARG B 433 35.50 5.49 -24.55
N VAL B 434 35.42 4.19 -24.81
CA VAL B 434 34.29 3.42 -24.34
C VAL B 434 34.56 3.06 -22.87
N LEU B 435 33.81 3.66 -21.94
CA LEU B 435 34.07 3.47 -20.49
C LEU B 435 33.62 2.11 -19.94
N GLY B 436 32.35 1.77 -20.13
CA GLY B 436 31.79 0.48 -19.75
C GLY B 436 30.34 0.34 -20.22
N GLN B 437 29.74 -0.78 -19.85
CA GLN B 437 28.40 -1.13 -20.23
C GLN B 437 27.82 -1.88 -19.06
N ALA B 438 26.48 -1.89 -18.97
CA ALA B 438 25.77 -2.60 -17.95
C ALA B 438 24.46 -2.99 -18.62
N GLY B 439 23.78 -4.01 -18.05
CA GLY B 439 22.45 -4.42 -18.49
C GLY B 439 21.39 -3.69 -17.64
N THR B 440 20.89 -4.34 -16.59
CA THR B 440 19.81 -3.74 -15.75
C THR B 440 20.26 -2.48 -14.98
N VAL B 441 19.30 -1.65 -14.59
CA VAL B 441 19.58 -0.51 -13.70
C VAL B 441 18.68 -0.59 -12.44
N GLY B 442 17.35 -0.46 -12.58
CA GLY B 442 16.49 -0.54 -11.40
C GLY B 442 16.75 0.62 -10.45
N TYR B 443 16.77 0.31 -9.17
CA TYR B 443 16.92 1.35 -8.16
C TYR B 443 18.24 2.11 -8.36
N ARG B 444 19.34 1.39 -8.62
CA ARG B 444 20.56 2.04 -8.91
C ARG B 444 21.58 1.06 -9.56
N ARG B 445 22.23 1.49 -10.66
CA ARG B 445 23.48 0.89 -11.15
C ARG B 445 24.65 1.82 -10.81
N ILE B 446 25.67 1.27 -10.13
CA ILE B 446 26.99 1.88 -10.03
C ILE B 446 27.89 1.08 -10.97
N LEU B 447 28.31 1.73 -12.05
CA LEU B 447 29.05 1.06 -13.07
C LEU B 447 30.49 1.57 -12.96
N ARG B 448 31.42 0.70 -12.55
CA ARG B 448 32.84 1.12 -12.35
C ARG B 448 33.72 0.73 -13.52
N PHE B 449 34.88 1.39 -13.67
CA PHE B 449 35.76 1.23 -14.85
C PHE B 449 37.12 1.89 -14.52
N ASP B 450 38.11 1.67 -15.34
CA ASP B 450 39.48 2.11 -15.08
C ASP B 450 39.55 3.66 -15.01
N ASP B 451 40.28 4.22 -14.07
CA ASP B 451 40.28 5.66 -13.86
C ASP B 451 40.61 6.38 -15.12
N VAL B 452 39.91 7.47 -15.40
CA VAL B 452 40.23 8.22 -16.62
C VAL B 452 39.84 9.71 -16.48
N GLU B 453 40.63 10.63 -17.02
CA GLU B 453 40.22 12.04 -16.95
C GLU B 453 39.45 12.41 -18.20
N VAL B 454 38.27 12.98 -18.02
CA VAL B 454 37.35 13.18 -19.13
C VAL B 454 36.84 14.63 -19.01
N SER B 455 36.29 15.15 -20.08
CA SER B 455 35.56 16.44 -19.97
C SER B 455 34.08 16.23 -19.76
N SER B 456 33.54 15.19 -20.41
CA SER B 456 32.16 14.81 -20.20
C SER B 456 32.01 13.29 -20.34
N VAL B 457 30.83 12.75 -20.08
CA VAL B 457 30.57 11.32 -20.35
C VAL B 457 29.19 11.30 -20.95
N THR B 458 28.93 10.31 -21.80
CA THR B 458 27.58 10.14 -22.33
C THR B 458 27.08 8.76 -21.93
N LEU B 459 25.86 8.71 -21.37
CA LEU B 459 25.14 7.47 -21.07
C LEU B 459 24.15 7.20 -22.19
N HIS B 460 24.43 6.19 -23.01
CA HIS B 460 23.60 5.70 -24.16
C HIS B 460 22.76 4.57 -23.68
N VAL B 461 21.46 4.82 -23.49
CA VAL B 461 20.55 3.78 -23.13
C VAL B 461 20.13 3.10 -24.45
N ASP B 462 20.84 2.05 -24.81
CA ASP B 462 20.65 1.47 -26.12
C ASP B 462 19.83 0.15 -26.10
N GLY B 463 19.33 -0.20 -24.91
CA GLY B 463 18.25 -1.19 -24.79
C GLY B 463 17.29 -0.90 -23.64
N SER B 464 16.01 -1.01 -23.91
CA SER B 464 14.99 -0.61 -22.93
C SER B 464 13.64 -1.19 -23.30
N ARG B 465 12.87 -1.57 -22.30
CA ARG B 465 11.45 -1.96 -22.49
C ARG B 465 10.63 -0.67 -22.52
N LEU B 466 10.32 -0.19 -23.72
CA LEU B 466 9.67 1.14 -23.87
C LEU B 466 10.57 2.27 -23.38
N ALA B 467 10.07 3.50 -23.29
CA ALA B 467 10.95 4.61 -23.02
C ALA B 467 11.47 4.51 -21.58
N PRO B 468 12.82 4.56 -21.34
CA PRO B 468 13.33 4.57 -19.97
C PRO B 468 12.94 5.84 -19.22
N MET B 469 12.83 5.70 -17.90
CA MET B 469 12.56 6.83 -16.96
C MET B 469 13.69 6.93 -15.94
N ILE B 470 14.45 8.03 -16.00
CA ILE B 470 15.72 8.09 -15.22
C ILE B 470 15.67 9.30 -14.28
N SER B 471 15.78 9.00 -12.98
CA SER B 471 15.65 10.03 -11.93
C SER B 471 17.01 10.60 -11.49
N ARG B 472 18.09 9.88 -11.76
CA ARG B 472 19.44 10.45 -11.45
C ARG B 472 20.47 9.88 -12.34
N ALA B 473 21.40 10.72 -12.74
CA ALA B 473 22.56 10.27 -13.51
C ALA B 473 23.74 11.09 -12.98
N ALA B 474 24.80 10.42 -12.60
CA ALA B 474 26.03 11.11 -12.19
C ALA B 474 27.29 10.39 -12.64
N ALA B 475 28.36 11.18 -12.69
CA ALA B 475 29.68 10.68 -13.01
C ALA B 475 30.59 10.97 -11.83
N VAL B 476 31.26 9.92 -11.31
CA VAL B 476 31.90 10.07 -10.01
C VAL B 476 33.33 9.45 -9.92
N ARG B 477 34.08 9.89 -8.90
CA ARG B 477 35.35 9.29 -8.48
C ARG B 477 35.19 8.57 -7.12
N ILE B 478 35.23 7.24 -7.12
CA ILE B 478 35.12 6.43 -5.87
C ILE B 478 36.52 6.17 -5.36
#